data_8Q22
#
_entry.id   8Q22
#
_cell.length_a   305.800
_cell.length_b   305.800
_cell.length_c   305.800
_cell.angle_alpha   90.000
_cell.angle_beta   90.000
_cell.angle_gamma   90.000
#
_symmetry.space_group_name_H-M   'F 41 3 2'
#
loop_
_entity.id
_entity.type
_entity.pdbx_description
1 polymer 'Vanadium-dependent bromoperoxidase, putative'
2 non-polymer 'PHOSPHATE ION'
3 non-polymer 1,3,5-trimethoxybenzene
4 non-polymer 'SODIUM ION'
#
_entity_poly.entity_id   1
_entity_poly.type   'polypeptide(L)'
_entity_poly.pdbx_seq_one_letter_code
;MGSSHHHHHHHHSSGLEVLFQGPLGSHMNTRRQQAQNIRNNAAELAANRPHPQHINNKEEYEYRRPKKDGNEPSHIANFT
KGLPHDEHTGLLLNSADYDQFVLGIQSGDTTDFARTPLGPAELPKVHGCLSKQKIDCDDDHRSGFWKSQIAQGAAGGDGA
KLRAWESAGAGLVFDLEGPDAQAVTMPPAPRLESPELTSEIAEVYSQALLRDIHFSQLRDPGLGDQVNACDSCPTQLSIY
EAIDILNTVQIEGQNWFSANCCDLTDDEQARQRPLVTRQNIFRGIAPGDDVGPYLSQFLLIGNNALGGGVFGQEAGHIGY
GAIRIDQRVRKATPCKDFMTNFETWLDVQNGADLRGLETYVDADPGKCREFPAYRVITTPRDLATYVHYDALYEAYLNAC
LILLGMGAPFDPGIPFQKPDVEDKQQGFAHFGGPQILTLVCEAATRGLKAVSFQKFNVHRRLRPEALGGLVDRYKHGKGA
GDELKPVAALVEALENVGLLSKVVAHNQLQNQNLDRSGDPSSAGDNYFLPMAFPEGSPMHPSYGAGHATVAGACVTMLKA
FFDHGWQLNLGMANGKYISYEPNQDGSSLQQVLLDCPLTVEGELNKIAANISIGRDWAGVHYFTDYIESLRLGEKIAIGI
LEEQKLTYGENFTMTVPLYDGGSIQI
;
_entity_poly.pdbx_strand_id   A
#
# COMPACT_ATOMS: atom_id res chain seq x y z
N MET A 28 -3.23 27.28 -43.13
CA MET A 28 -2.94 27.22 -41.66
C MET A 28 -4.04 27.95 -40.88
N ASN A 29 -4.16 27.64 -39.58
CA ASN A 29 -4.99 28.37 -38.59
C ASN A 29 -4.06 29.25 -37.74
N THR A 30 -4.62 30.25 -37.04
CA THR A 30 -3.93 31.00 -35.97
C THR A 30 -3.78 30.08 -34.76
N ARG A 31 -2.72 30.25 -33.96
CA ARG A 31 -2.35 29.31 -32.86
C ARG A 31 -3.51 29.15 -31.88
N ARG A 32 -4.14 30.26 -31.47
CA ARG A 32 -5.29 30.29 -30.54
C ARG A 32 -6.30 29.18 -30.93
N GLN A 33 -6.63 29.10 -32.22
CA GLN A 33 -7.58 28.10 -32.79
C GLN A 33 -6.97 26.70 -32.69
N GLN A 34 -5.75 26.53 -33.23
CA GLN A 34 -4.98 25.25 -33.20
C GLN A 34 -4.93 24.72 -31.76
N ALA A 35 -4.47 25.55 -30.82
CA ALA A 35 -4.28 25.23 -29.39
C ALA A 35 -5.59 24.78 -28.75
N GLN A 36 -6.68 25.54 -28.97
CA GLN A 36 -8.03 25.26 -28.40
C GLN A 36 -8.54 23.90 -28.89
N ASN A 37 -8.31 23.58 -30.17
CA ASN A 37 -8.75 22.32 -30.82
C ASN A 37 -8.08 21.12 -30.15
N ILE A 38 -6.76 21.21 -29.90
CA ILE A 38 -5.93 20.12 -29.29
C ILE A 38 -6.51 19.75 -27.92
N ARG A 39 -7.06 20.74 -27.19
CA ARG A 39 -7.65 20.56 -25.83
C ARG A 39 -9.06 19.96 -25.96
N ASN A 40 -9.82 20.36 -26.99
CA ASN A 40 -11.17 19.84 -27.30
C ASN A 40 -11.06 18.42 -27.85
N ASN A 41 -10.03 18.17 -28.68
CA ASN A 41 -9.73 16.83 -29.29
C ASN A 41 -9.38 15.84 -28.16
N ALA A 42 -8.50 16.26 -27.24
CA ALA A 42 -8.08 15.47 -26.06
C ALA A 42 -9.29 15.17 -25.16
N ALA A 43 -10.17 16.16 -24.98
CA ALA A 43 -11.40 16.08 -24.14
C ALA A 43 -12.37 15.05 -24.72
N GLU A 44 -12.54 15.02 -26.05
CA GLU A 44 -13.44 14.08 -26.77
C GLU A 44 -12.84 12.67 -26.74
N LEU A 45 -11.54 12.54 -27.03
CA LEU A 45 -10.79 11.26 -27.04
C LEU A 45 -11.03 10.51 -25.73
N ALA A 46 -10.95 11.21 -24.59
CA ALA A 46 -11.15 10.67 -23.23
C ALA A 46 -12.60 10.20 -23.05
N ALA A 47 -13.56 10.99 -23.53
CA ALA A 47 -15.02 10.74 -23.44
C ALA A 47 -15.40 9.48 -24.23
N ASN A 48 -14.72 9.24 -25.36
CA ASN A 48 -15.02 8.13 -26.30
C ASN A 48 -14.55 6.79 -25.72
N ARG A 49 -13.31 6.73 -25.20
CA ARG A 49 -12.70 5.52 -24.60
C ARG A 49 -13.70 4.84 -23.66
N PRO A 50 -13.86 3.50 -23.73
CA PRO A 50 -14.83 2.78 -22.90
C PRO A 50 -14.95 3.30 -21.46
N HIS A 51 -16.18 3.64 -21.05
CA HIS A 51 -16.56 4.01 -19.66
C HIS A 51 -17.14 2.76 -18.98
N PRO A 52 -16.33 1.98 -18.23
CA PRO A 52 -16.78 0.70 -17.70
C PRO A 52 -17.72 0.87 -16.49
N GLN A 53 -18.49 -0.18 -16.19
CA GLN A 53 -19.54 -0.19 -15.12
C GLN A 53 -18.91 -0.66 -13.81
N HIS A 54 -19.19 0.06 -12.72
CA HIS A 54 -18.58 -0.13 -11.38
C HIS A 54 -19.38 -1.18 -10.59
N ILE A 55 -18.80 -2.38 -10.44
CA ILE A 55 -19.46 -3.58 -9.81
C ILE A 55 -18.65 -4.00 -8.58
N ASN A 56 -19.32 -4.19 -7.44
CA ASN A 56 -18.72 -4.60 -6.14
C ASN A 56 -19.20 -6.02 -5.79
N ASN A 57 -18.73 -6.57 -4.66
CA ASN A 57 -18.98 -7.96 -4.23
C ASN A 57 -20.37 -8.10 -3.58
N LYS A 58 -21.01 -6.98 -3.25
CA LYS A 58 -22.41 -6.86 -2.73
C LYS A 58 -22.47 -7.24 -1.23
N GLU A 59 -21.31 -7.48 -0.60
CA GLU A 59 -21.20 -7.86 0.84
C GLU A 59 -21.84 -6.78 1.71
N GLU A 60 -21.84 -5.52 1.25
CA GLU A 60 -22.30 -4.31 2.00
C GLU A 60 -23.63 -4.59 2.72
N TYR A 61 -24.71 -4.83 1.97
CA TYR A 61 -26.10 -4.98 2.49
C TYR A 61 -26.49 -6.46 2.58
N GLU A 62 -25.59 -7.38 2.21
CA GLU A 62 -25.83 -8.84 2.25
C GLU A 62 -25.80 -9.33 3.70
N TYR A 63 -24.64 -9.21 4.36
CA TYR A 63 -24.39 -9.70 5.74
C TYR A 63 -25.29 -8.94 6.72
N ARG A 64 -26.29 -9.65 7.27
CA ARG A 64 -27.37 -9.09 8.13
C ARG A 64 -27.08 -9.42 9.59
N ARG A 65 -27.66 -8.63 10.52
CA ARG A 65 -27.57 -8.83 11.98
C ARG A 65 -28.91 -8.49 12.61
N PRO A 66 -29.23 -9.04 13.81
CA PRO A 66 -30.57 -8.94 14.39
C PRO A 66 -30.87 -7.57 15.04
N LYS A 67 -32.08 -7.05 14.80
CA LYS A 67 -32.69 -5.91 15.54
C LYS A 67 -34.09 -6.35 15.98
N LYS A 68 -34.80 -5.51 16.74
CA LYS A 68 -36.10 -5.86 17.38
C LYS A 68 -37.15 -6.17 16.31
N ASP A 69 -37.29 -5.30 15.30
CA ASP A 69 -38.27 -5.43 14.18
C ASP A 69 -37.88 -6.59 13.27
N GLY A 70 -36.58 -6.89 13.16
CA GLY A 70 -36.03 -7.95 12.29
C GLY A 70 -34.54 -7.77 12.04
N ASN A 71 -34.06 -8.24 10.89
CA ASN A 71 -32.61 -8.24 10.51
C ASN A 71 -32.26 -6.89 9.88
N GLU A 72 -31.05 -6.39 10.16
CA GLU A 72 -30.49 -5.12 9.61
C GLU A 72 -29.09 -5.38 9.08
N PRO A 73 -28.53 -4.50 8.21
CA PRO A 73 -27.17 -4.67 7.71
C PRO A 73 -26.13 -4.50 8.83
N SER A 74 -25.24 -5.49 8.99
CA SER A 74 -24.14 -5.49 9.98
C SER A 74 -23.01 -4.55 9.51
N HIS A 75 -22.70 -4.58 8.21
CA HIS A 75 -21.59 -3.84 7.57
C HIS A 75 -20.25 -4.27 8.19
N ILE A 76 -20.09 -5.57 8.46
CA ILE A 76 -18.84 -6.16 9.03
C ILE A 76 -17.75 -6.18 7.94
N ALA A 77 -18.14 -6.47 6.69
CA ALA A 77 -17.23 -6.56 5.53
C ALA A 77 -16.85 -5.16 5.04
N ASN A 78 -17.55 -4.12 5.49
CA ASN A 78 -17.36 -2.71 5.05
C ASN A 78 -16.35 -2.01 5.96
N PHE A 79 -15.73 -0.95 5.44
CA PHE A 79 -14.90 0.04 6.19
C PHE A 79 -15.85 0.91 7.03
N THR A 80 -15.64 0.94 8.35
CA THR A 80 -16.44 1.73 9.32
C THR A 80 -15.52 2.45 10.32
N LYS A 81 -14.25 2.65 9.96
CA LYS A 81 -13.23 3.29 10.84
C LYS A 81 -13.54 4.78 10.95
N GLY A 82 -13.69 5.28 12.18
CA GLY A 82 -14.09 6.67 12.49
C GLY A 82 -15.49 6.72 13.07
N LEU A 83 -16.39 5.86 12.59
CA LEU A 83 -17.82 5.82 13.01
C LEU A 83 -17.91 5.33 14.45
N PRO A 84 -19.06 5.56 15.14
CA PRO A 84 -19.28 4.99 16.47
C PRO A 84 -19.17 3.46 16.49
N HIS A 85 -18.17 2.94 17.21
CA HIS A 85 -17.97 1.50 17.48
C HIS A 85 -18.38 1.19 18.92
N ASP A 86 -19.16 0.12 19.13
CA ASP A 86 -19.65 -0.32 20.47
C ASP A 86 -18.42 -0.51 21.37
N GLU A 87 -18.40 0.20 22.51
CA GLU A 87 -17.19 0.34 23.38
C GLU A 87 -16.92 -0.96 24.13
N HIS A 88 -17.93 -1.82 24.29
CA HIS A 88 -17.84 -3.15 24.95
C HIS A 88 -17.78 -4.25 23.88
N THR A 89 -18.73 -4.25 22.94
CA THR A 89 -18.88 -5.28 21.88
C THR A 89 -17.70 -5.20 20.91
N GLY A 90 -17.36 -3.99 20.45
CA GLY A 90 -16.20 -3.73 19.56
C GLY A 90 -16.61 -3.60 18.10
N LEU A 91 -17.89 -3.83 17.78
CA LEU A 91 -18.44 -3.82 16.40
C LEU A 91 -19.09 -2.45 16.14
N LEU A 92 -19.68 -2.26 14.96
CA LEU A 92 -20.38 -1.01 14.57
C LEU A 92 -21.58 -0.79 15.52
N LEU A 93 -21.68 0.40 16.11
CA LEU A 93 -22.69 0.73 17.16
C LEU A 93 -24.07 0.80 16.52
N ASN A 94 -24.26 1.73 15.57
CA ASN A 94 -25.55 1.99 14.88
C ASN A 94 -25.31 1.99 13.36
N SER A 95 -26.19 1.31 12.61
CA SER A 95 -26.14 1.20 11.13
C SER A 95 -26.55 2.53 10.47
N ALA A 96 -27.31 3.36 11.18
CA ALA A 96 -27.77 4.70 10.73
C ALA A 96 -26.58 5.61 10.44
N ASP A 97 -25.50 5.47 11.22
CA ASP A 97 -24.23 6.24 11.07
C ASP A 97 -23.60 5.89 9.71
N TYR A 98 -23.62 4.59 9.35
CA TYR A 98 -23.11 4.07 8.06
C TYR A 98 -24.01 4.55 6.91
N ASP A 99 -25.34 4.45 7.10
CA ASP A 99 -26.37 4.94 6.16
C ASP A 99 -26.15 6.44 5.91
N GLN A 100 -25.83 7.19 6.96
CA GLN A 100 -25.51 8.65 6.90
C GLN A 100 -24.15 8.84 6.21
N PHE A 101 -23.15 8.04 6.60
CA PHE A 101 -21.75 8.07 6.09
C PHE A 101 -21.75 7.92 4.56
N VAL A 102 -22.52 6.96 4.04
CA VAL A 102 -22.64 6.64 2.59
C VAL A 102 -23.27 7.85 1.88
N LEU A 103 -24.47 8.27 2.30
CA LEU A 103 -25.26 9.38 1.69
C LEU A 103 -24.42 10.66 1.64
N GLY A 104 -23.50 10.85 2.60
CA GLY A 104 -22.54 11.96 2.60
C GLY A 104 -21.53 11.85 1.46
N ILE A 105 -21.02 10.65 1.21
CA ILE A 105 -20.04 10.34 0.12
C ILE A 105 -20.74 10.51 -1.23
N GLN A 106 -21.93 9.91 -1.39
CA GLN A 106 -22.69 9.86 -2.67
C GLN A 106 -23.09 11.28 -3.07
N SER A 107 -23.47 12.11 -2.09
CA SER A 107 -23.85 13.53 -2.27
C SER A 107 -22.62 14.38 -2.59
N GLY A 108 -21.54 14.21 -1.81
CA GLY A 108 -20.35 15.06 -1.86
C GLY A 108 -20.61 16.42 -1.22
N ASP A 109 -21.65 16.50 -0.37
CA ASP A 109 -22.10 17.74 0.32
C ASP A 109 -21.31 17.88 1.63
N THR A 110 -20.69 19.03 1.86
CA THR A 110 -19.89 19.35 3.07
C THR A 110 -20.78 19.32 4.31
N THR A 111 -22.07 19.65 4.16
CA THR A 111 -23.09 19.70 5.24
C THR A 111 -23.47 18.27 5.66
N ASP A 112 -23.82 17.41 4.68
CA ASP A 112 -24.31 16.03 4.90
C ASP A 112 -23.21 15.18 5.56
N PHE A 113 -21.97 15.33 5.12
CA PHE A 113 -20.81 14.50 5.56
C PHE A 113 -20.34 14.95 6.96
N ALA A 114 -20.70 16.17 7.37
CA ALA A 114 -20.39 16.74 8.70
C ALA A 114 -21.53 16.48 9.70
N ARG A 115 -22.63 15.87 9.23
CA ARG A 115 -23.79 15.45 10.07
C ARG A 115 -23.58 14.00 10.55
N THR A 116 -22.52 13.35 10.07
CA THR A 116 -22.14 11.95 10.44
C THR A 116 -21.49 11.97 11.82
N PRO A 117 -21.94 11.13 12.79
CA PRO A 117 -21.28 11.04 14.08
C PRO A 117 -19.89 10.40 13.92
N LEU A 118 -18.88 10.91 14.64
CA LEU A 118 -17.46 10.50 14.53
C LEU A 118 -16.90 10.20 15.92
N GLY A 119 -16.25 9.04 16.07
CA GLY A 119 -15.52 8.63 17.29
C GLY A 119 -16.44 7.96 18.31
N PRO A 120 -16.02 7.86 19.60
CA PRO A 120 -16.87 7.32 20.65
C PRO A 120 -18.22 8.06 20.67
N ALA A 121 -19.32 7.32 20.72
CA ALA A 121 -20.70 7.86 20.62
C ALA A 121 -21.66 7.00 21.45
N GLU A 122 -22.77 7.62 21.89
CA GLU A 122 -23.86 6.97 22.65
C GLU A 122 -25.02 6.68 21.70
N LEU A 123 -25.64 5.51 21.85
CA LEU A 123 -26.83 5.05 21.07
C LEU A 123 -27.99 5.99 21.36
N PRO A 124 -28.88 6.28 20.37
CA PRO A 124 -30.02 7.15 20.60
C PRO A 124 -31.13 6.37 21.34
N LYS A 125 -32.11 7.09 21.89
CA LYS A 125 -33.28 6.49 22.60
C LYS A 125 -34.33 6.05 21.57
N VAL A 126 -34.41 6.74 20.43
CA VAL A 126 -35.35 6.44 19.31
C VAL A 126 -34.57 5.64 18.26
N HIS A 127 -35.02 4.42 17.96
CA HIS A 127 -34.37 3.50 16.99
C HIS A 127 -34.42 4.11 15.59
N GLY A 128 -33.30 4.06 14.85
CA GLY A 128 -33.16 4.61 13.49
C GLY A 128 -32.47 5.97 13.50
N CYS A 129 -32.60 6.72 14.60
CA CYS A 129 -31.96 8.05 14.79
C CYS A 129 -30.44 7.89 14.80
N LEU A 130 -29.71 8.92 14.38
CA LEU A 130 -28.22 8.93 14.35
C LEU A 130 -27.69 8.97 15.78
N SER A 131 -26.59 8.25 16.03
CA SER A 131 -25.93 8.15 17.36
C SER A 131 -25.44 9.53 17.80
N LYS A 132 -25.50 9.81 19.11
CA LYS A 132 -25.04 11.09 19.71
C LYS A 132 -23.51 11.01 19.91
N GLN A 133 -22.78 11.93 19.28
CA GLN A 133 -21.30 12.02 19.37
C GLN A 133 -20.89 12.42 20.80
N LYS A 134 -19.90 11.73 21.38
CA LYS A 134 -19.39 11.99 22.75
C LYS A 134 -18.50 13.23 22.74
N ILE A 135 -17.48 13.24 21.87
CA ILE A 135 -16.41 14.28 21.82
C ILE A 135 -16.90 15.43 20.91
N ASP A 136 -16.78 16.68 21.39
CA ASP A 136 -17.21 17.89 20.64
C ASP A 136 -16.22 19.04 20.88
N CYS A 137 -16.52 20.23 20.34
CA CYS A 137 -15.68 21.45 20.35
C CYS A 137 -15.68 22.14 21.73
N ASP A 138 -16.20 21.48 22.78
CA ASP A 138 -16.14 21.97 24.18
C ASP A 138 -15.33 21.00 25.05
N ASP A 139 -14.69 19.99 24.46
CA ASP A 139 -13.85 19.01 25.19
C ASP A 139 -12.38 19.40 25.05
N ASP A 140 -11.88 20.23 25.97
CA ASP A 140 -10.45 20.63 26.08
C ASP A 140 -9.61 19.40 26.39
N HIS A 141 -10.05 18.58 27.36
CA HIS A 141 -9.43 17.28 27.75
C HIS A 141 -10.35 16.13 27.32
N ARG A 142 -9.80 15.11 26.67
CA ARG A 142 -10.56 13.98 26.05
C ARG A 142 -10.10 12.63 26.61
N SER A 143 -9.32 12.61 27.69
CA SER A 143 -8.69 11.40 28.27
C SER A 143 -9.76 10.36 28.63
N GLY A 144 -10.90 10.80 29.16
CA GLY A 144 -11.96 9.93 29.73
C GLY A 144 -12.67 9.10 28.68
N PHE A 145 -12.61 9.48 27.40
CA PHE A 145 -13.41 8.89 26.30
C PHE A 145 -12.71 7.65 25.70
N TRP A 146 -11.41 7.49 25.94
CA TRP A 146 -10.57 6.38 25.41
C TRP A 146 -10.41 5.29 26.46
N LYS A 147 -10.50 4.03 26.04
CA LYS A 147 -10.44 2.83 26.93
C LYS A 147 -8.99 2.29 26.97
N SER A 148 -8.11 2.77 26.09
CA SER A 148 -6.68 2.40 26.02
C SER A 148 -5.81 3.49 26.66
N GLN A 149 -4.66 3.11 27.25
CA GLN A 149 -3.73 4.01 27.97
C GLN A 149 -2.98 4.89 26.95
N ILE A 150 -2.46 4.29 25.88
CA ILE A 150 -1.74 4.99 24.77
C ILE A 150 -2.56 6.20 24.31
N ALA A 151 -3.87 6.03 24.13
CA ALA A 151 -4.81 7.06 23.62
C ALA A 151 -5.19 8.04 24.74
N GLN A 152 -5.27 7.56 25.99
CA GLN A 152 -5.65 8.36 27.19
C GLN A 152 -4.60 9.45 27.44
N GLY A 153 -3.31 9.10 27.34
CA GLY A 153 -2.17 10.03 27.51
C GLY A 153 -1.45 10.28 26.19
N ALA A 154 -2.21 10.54 25.12
CA ALA A 154 -1.71 10.70 23.73
C ALA A 154 -1.30 12.16 23.49
N ALA A 155 -2.23 13.11 23.66
CA ALA A 155 -2.05 14.55 23.38
C ALA A 155 -1.37 15.22 24.58
N GLY A 156 -0.23 14.69 25.03
CA GLY A 156 0.55 15.17 26.19
C GLY A 156 -0.29 15.21 27.47
N GLY A 157 -1.12 14.19 27.69
CA GLY A 157 -1.95 14.04 28.90
C GLY A 157 -3.41 14.37 28.66
N ASP A 158 -3.70 15.30 27.72
CA ASP A 158 -5.07 15.76 27.37
C ASP A 158 -5.88 14.58 26.82
N GLY A 159 -5.26 13.73 25.99
CA GLY A 159 -5.89 12.57 25.34
C GLY A 159 -6.03 12.76 23.84
N ALA A 160 -5.96 11.65 23.09
CA ALA A 160 -5.96 11.62 21.60
C ALA A 160 -7.12 12.45 21.05
N LYS A 161 -6.86 13.22 19.99
CA LYS A 161 -7.89 14.02 19.25
C LYS A 161 -8.61 13.09 18.27
N LEU A 162 -9.79 13.49 17.80
CA LEU A 162 -10.52 12.81 16.70
C LEU A 162 -9.87 13.18 15.36
N ARG A 163 -9.93 12.26 14.38
CA ARG A 163 -9.48 12.50 12.99
C ARG A 163 -10.59 12.02 12.04
N ALA A 164 -10.87 12.80 10.99
CA ALA A 164 -11.97 12.60 10.04
C ALA A 164 -11.50 11.80 8.83
N TRP A 165 -12.39 11.54 7.87
CA TRP A 165 -12.14 10.69 6.68
C TRP A 165 -11.41 11.52 5.61
N GLU A 166 -10.26 11.03 5.15
CA GLU A 166 -9.37 11.74 4.18
C GLU A 166 -9.93 11.60 2.76
N SER A 167 -10.22 12.73 2.10
CA SER A 167 -10.67 12.83 0.69
C SER A 167 -11.80 11.83 0.41
N ALA A 168 -12.99 12.10 0.93
CA ALA A 168 -14.22 11.30 0.72
C ALA A 168 -14.81 11.63 -0.65
N GLY A 169 -14.77 12.91 -1.06
CA GLY A 169 -15.33 13.42 -2.32
C GLY A 169 -14.27 13.84 -3.32
N ALA A 170 -13.09 13.20 -3.28
CA ALA A 170 -11.98 13.40 -4.24
C ALA A 170 -12.23 12.56 -5.50
N GLY A 171 -13.02 11.49 -5.37
CA GLY A 171 -13.50 10.65 -6.48
C GLY A 171 -14.48 11.39 -7.38
N LEU A 172 -15.06 12.48 -6.88
CA LEU A 172 -16.06 13.32 -7.60
C LEU A 172 -15.34 14.46 -8.34
N VAL A 173 -14.15 14.86 -7.88
CA VAL A 173 -13.31 15.93 -8.49
C VAL A 173 -12.84 15.46 -9.88
N PHE A 174 -12.97 16.32 -10.89
CA PHE A 174 -12.61 16.07 -12.31
C PHE A 174 -11.11 16.36 -12.50
N ASP A 175 -10.64 16.29 -13.76
CA ASP A 175 -9.22 16.59 -14.12
C ASP A 175 -9.15 17.04 -15.59
N LEU A 176 -8.08 17.74 -15.95
CA LEU A 176 -7.87 18.37 -17.29
C LEU A 176 -7.16 17.39 -18.23
N GLU A 177 -6.25 16.58 -17.70
CA GLU A 177 -5.50 15.54 -18.46
C GLU A 177 -5.72 14.17 -17.80
N GLY A 178 -5.58 13.09 -18.59
CA GLY A 178 -5.86 11.71 -18.17
C GLY A 178 -7.35 11.40 -18.17
N PRO A 179 -7.76 10.13 -17.98
CA PRO A 179 -9.18 9.77 -17.92
C PRO A 179 -9.80 10.21 -16.59
N ASP A 180 -11.12 10.32 -16.54
CA ASP A 180 -11.89 10.79 -15.36
C ASP A 180 -11.84 9.72 -14.27
N ALA A 181 -12.19 10.09 -13.03
CA ALA A 181 -12.11 9.23 -11.83
C ALA A 181 -13.09 8.06 -11.95
N GLN A 182 -14.24 8.27 -12.60
CA GLN A 182 -15.33 7.28 -12.77
C GLN A 182 -15.37 6.78 -14.23
N ALA A 183 -14.34 7.10 -15.01
CA ALA A 183 -14.16 6.67 -16.42
C ALA A 183 -13.31 5.39 -16.47
N VAL A 184 -12.85 4.91 -15.30
CA VAL A 184 -12.14 3.61 -15.13
C VAL A 184 -12.63 2.96 -13.82
N THR A 185 -12.51 1.64 -13.70
CA THR A 185 -13.05 0.84 -12.56
C THR A 185 -12.03 -0.22 -12.12
N MET A 186 -12.25 -0.78 -10.93
CA MET A 186 -11.52 -1.97 -10.38
C MET A 186 -12.54 -3.10 -10.18
N PRO A 187 -12.19 -4.36 -10.51
CA PRO A 187 -13.13 -5.48 -10.37
C PRO A 187 -13.49 -5.74 -8.91
N PRO A 188 -14.58 -6.50 -8.63
CA PRO A 188 -15.05 -6.68 -7.26
C PRO A 188 -14.03 -7.40 -6.36
N ALA A 189 -13.95 -7.00 -5.09
CA ALA A 189 -12.94 -7.45 -4.10
C ALA A 189 -13.25 -8.88 -3.66
N PRO A 190 -12.27 -9.60 -3.06
CA PRO A 190 -12.53 -10.89 -2.41
C PRO A 190 -13.56 -10.79 -1.28
N ARG A 191 -14.17 -11.93 -0.93
CA ARG A 191 -15.27 -12.03 0.07
C ARG A 191 -14.76 -12.78 1.31
N LEU A 192 -15.44 -12.62 2.45
CA LEU A 192 -15.06 -13.22 3.76
C LEU A 192 -15.11 -14.75 3.67
N GLU A 193 -15.99 -15.30 2.81
CA GLU A 193 -16.22 -16.76 2.64
C GLU A 193 -15.33 -17.31 1.51
N SER A 194 -14.74 -16.43 0.69
CA SER A 194 -13.93 -16.80 -0.51
C SER A 194 -12.60 -17.40 -0.08
N PRO A 195 -12.03 -18.35 -0.85
CA PRO A 195 -10.70 -18.90 -0.56
C PRO A 195 -9.58 -17.86 -0.71
N GLU A 196 -9.71 -16.95 -1.68
CA GLU A 196 -8.73 -15.88 -1.99
C GLU A 196 -8.47 -15.04 -0.74
N LEU A 197 -9.53 -14.42 -0.20
CA LEU A 197 -9.48 -13.51 0.98
C LEU A 197 -8.75 -14.20 2.13
N THR A 198 -9.11 -15.45 2.43
CA THR A 198 -8.54 -16.27 3.54
C THR A 198 -7.02 -16.38 3.40
N SER A 199 -6.52 -16.55 2.17
CA SER A 199 -5.06 -16.66 1.87
C SER A 199 -4.40 -15.27 1.96
N GLU A 200 -5.14 -14.21 1.62
CA GLU A 200 -4.63 -12.80 1.61
C GLU A 200 -4.43 -12.32 3.06
N ILE A 201 -5.43 -12.51 3.92
CA ILE A 201 -5.36 -12.12 5.37
C ILE A 201 -4.27 -12.97 6.05
N ALA A 202 -4.14 -14.24 5.68
CA ALA A 202 -3.11 -15.18 6.16
C ALA A 202 -1.72 -14.68 5.73
N GLU A 203 -1.61 -14.11 4.53
CA GLU A 203 -0.37 -13.47 4.00
C GLU A 203 -0.04 -12.24 4.85
N VAL A 204 -1.02 -11.38 5.10
CA VAL A 204 -0.88 -10.12 5.90
C VAL A 204 -0.50 -10.47 7.34
N TYR A 205 -1.15 -11.49 7.92
CA TYR A 205 -0.86 -12.02 9.28
C TYR A 205 0.58 -12.53 9.34
N SER A 206 1.00 -13.29 8.33
CA SER A 206 2.36 -13.87 8.20
C SER A 206 3.41 -12.75 8.08
N GLN A 207 3.11 -11.73 7.26
CA GLN A 207 3.99 -10.55 7.04
C GLN A 207 4.20 -9.80 8.36
N ALA A 208 3.19 -9.76 9.22
CA ALA A 208 3.20 -9.06 10.53
C ALA A 208 4.17 -9.74 11.50
N LEU A 209 4.26 -11.07 11.46
CA LEU A 209 5.14 -11.90 12.32
C LEU A 209 6.55 -12.00 11.69
N LEU A 210 6.67 -11.70 10.40
CA LEU A 210 7.95 -11.65 9.64
C LEU A 210 8.34 -10.19 9.38
N ARG A 211 7.89 -9.26 10.22
CA ARG A 211 8.05 -7.79 10.01
C ARG A 211 9.50 -7.39 10.29
N ASP A 212 10.23 -8.17 11.10
CA ASP A 212 11.63 -7.89 11.51
C ASP A 212 12.59 -8.94 10.93
N ILE A 213 12.18 -9.62 9.85
CA ILE A 213 13.05 -10.57 9.09
C ILE A 213 14.00 -9.76 8.21
N HIS A 214 15.26 -10.19 8.07
CA HIS A 214 16.26 -9.56 7.16
C HIS A 214 15.88 -9.88 5.72
N PHE A 215 15.82 -8.85 4.85
CA PHE A 215 15.30 -8.91 3.46
C PHE A 215 16.06 -9.97 2.64
N SER A 216 17.32 -10.24 2.98
CA SER A 216 18.17 -11.30 2.36
C SER A 216 17.49 -12.67 2.43
N GLN A 217 16.63 -12.89 3.44
CA GLN A 217 15.88 -14.15 3.66
C GLN A 217 14.84 -14.36 2.55
N LEU A 218 14.26 -13.26 2.04
CA LEU A 218 13.13 -13.29 1.06
C LEU A 218 13.68 -13.46 -0.36
N ARG A 219 14.36 -14.59 -0.61
CA ARG A 219 14.90 -14.99 -1.94
C ARG A 219 15.55 -16.38 -1.82
N ASP A 220 15.80 -17.03 -2.96
CA ASP A 220 16.45 -18.37 -3.06
C ASP A 220 17.89 -18.26 -2.54
N PRO A 221 18.36 -19.19 -1.68
CA PRO A 221 19.71 -19.11 -1.11
C PRO A 221 20.84 -19.34 -2.14
N GLY A 222 20.51 -19.86 -3.31
CA GLY A 222 21.45 -20.06 -4.44
C GLY A 222 22.04 -18.76 -4.95
N LEU A 223 21.35 -17.64 -4.71
CA LEU A 223 21.76 -16.27 -5.16
C LEU A 223 22.95 -15.77 -4.33
N GLY A 224 22.99 -16.10 -3.03
CA GLY A 224 24.10 -15.74 -2.12
C GLY A 224 23.80 -16.11 -0.67
N ASP A 225 24.80 -15.94 0.21
CA ASP A 225 24.69 -16.22 1.67
C ASP A 225 23.73 -15.21 2.30
N GLN A 226 22.67 -15.71 2.95
CA GLN A 226 21.65 -14.90 3.66
C GLN A 226 22.12 -14.64 5.10
N VAL A 227 21.54 -13.62 5.76
CA VAL A 227 21.93 -13.19 7.14
C VAL A 227 20.65 -12.97 7.96
N ASN A 228 20.82 -12.81 9.28
CA ASN A 228 19.74 -12.46 10.25
C ASN A 228 19.94 -11.00 10.68
N ALA A 229 18.84 -10.30 10.99
CA ALA A 229 18.85 -8.90 11.47
C ALA A 229 19.61 -8.82 12.79
N CYS A 230 20.55 -7.88 12.91
CA CYS A 230 21.43 -7.67 14.10
C CYS A 230 20.59 -7.60 15.37
N ASP A 231 19.42 -6.96 15.31
CA ASP A 231 18.45 -6.84 16.43
C ASP A 231 17.57 -8.10 16.46
N SER A 232 18.16 -9.26 16.74
CA SER A 232 17.46 -10.56 16.90
C SER A 232 16.61 -10.52 18.16
N CYS A 233 15.36 -10.99 18.08
CA CYS A 233 14.29 -10.79 19.09
C CYS A 233 13.30 -11.95 19.02
N PRO A 234 12.24 -11.99 19.86
CA PRO A 234 11.28 -13.10 19.82
C PRO A 234 10.51 -13.16 18.49
N THR A 235 10.62 -14.30 17.80
CA THR A 235 9.95 -14.61 16.50
C THR A 235 9.03 -15.83 16.68
N GLN A 236 7.74 -15.66 16.38
CA GLN A 236 6.70 -16.71 16.57
C GLN A 236 6.42 -17.42 15.24
N LEU A 237 7.04 -16.95 14.14
CA LEU A 237 6.89 -17.52 12.78
C LEU A 237 8.21 -17.38 12.02
N SER A 238 8.56 -18.39 11.21
CA SER A 238 9.75 -18.41 10.32
C SER A 238 9.31 -18.28 8.87
N ILE A 239 10.26 -17.92 7.98
CA ILE A 239 10.05 -17.77 6.51
C ILE A 239 9.53 -19.09 5.92
N TYR A 240 10.03 -20.24 6.41
CA TYR A 240 9.67 -21.59 5.92
C TYR A 240 8.21 -21.90 6.28
N GLU A 241 7.83 -21.63 7.54
CA GLU A 241 6.46 -21.83 8.08
C GLU A 241 5.44 -21.01 7.27
N ALA A 242 5.80 -19.77 6.92
CA ALA A 242 4.94 -18.83 6.17
C ALA A 242 4.60 -19.41 4.79
N ILE A 243 5.59 -19.97 4.09
CA ILE A 243 5.43 -20.63 2.75
C ILE A 243 4.52 -21.84 2.93
N ASP A 244 4.84 -22.71 3.89
CA ASP A 244 4.09 -23.93 4.28
C ASP A 244 2.61 -23.55 4.51
N ILE A 245 2.37 -22.56 5.36
CA ILE A 245 1.00 -22.11 5.80
C ILE A 245 0.21 -21.61 4.58
N LEU A 246 0.79 -20.71 3.78
CA LEU A 246 0.13 -20.02 2.64
C LEU A 246 -0.30 -21.04 1.57
N ASN A 247 0.49 -22.10 1.36
CA ASN A 247 0.20 -23.18 0.39
C ASN A 247 -0.85 -24.14 0.96
N THR A 248 -0.85 -24.34 2.29
CA THR A 248 -1.75 -25.26 3.02
C THR A 248 -3.15 -24.64 3.16
N VAL A 249 -3.23 -23.41 3.68
CA VAL A 249 -4.50 -22.70 4.04
C VAL A 249 -5.51 -22.86 2.89
N GLN A 250 -6.77 -23.16 3.23
CA GLN A 250 -7.83 -23.55 2.26
C GLN A 250 -9.22 -23.39 2.90
N ILE A 251 -10.21 -22.99 2.11
CA ILE A 251 -11.66 -22.90 2.50
C ILE A 251 -12.44 -23.92 1.65
N GLU A 252 -13.27 -24.73 2.29
CA GLU A 252 -14.09 -25.81 1.66
C GLU A 252 -13.18 -26.69 0.78
N GLY A 253 -12.01 -27.06 1.29
CA GLY A 253 -11.04 -27.97 0.62
C GLY A 253 -10.52 -27.40 -0.69
N GLN A 254 -10.23 -26.10 -0.74
CA GLN A 254 -9.64 -25.41 -1.92
C GLN A 254 -8.70 -24.29 -1.45
N ASN A 255 -7.43 -24.36 -1.86
CA ASN A 255 -6.39 -23.33 -1.62
C ASN A 255 -6.36 -22.38 -2.83
N TRP A 256 -6.11 -21.08 -2.58
CA TRP A 256 -6.11 -19.99 -3.59
C TRP A 256 -5.10 -20.31 -4.71
N PHE A 257 -3.87 -20.65 -4.33
CA PHE A 257 -2.73 -20.89 -5.26
C PHE A 257 -2.92 -22.22 -6.00
N SER A 258 -3.54 -23.21 -5.34
CA SER A 258 -3.77 -24.59 -5.85
C SER A 258 -4.93 -24.61 -6.86
N ALA A 259 -5.95 -23.79 -6.63
CA ALA A 259 -7.20 -23.72 -7.44
C ALA A 259 -6.87 -23.56 -8.92
N ASN A 260 -7.40 -24.45 -9.77
CA ASN A 260 -7.19 -24.44 -11.25
C ASN A 260 -8.06 -23.34 -11.87
N CYS A 261 -7.79 -23.00 -13.13
CA CYS A 261 -8.43 -21.88 -13.87
C CYS A 261 -9.95 -22.08 -13.95
N CYS A 262 -10.39 -23.32 -14.21
CA CYS A 262 -11.82 -23.72 -14.42
C CYS A 262 -12.70 -23.20 -13.27
N ASP A 263 -12.26 -23.38 -12.03
CA ASP A 263 -13.02 -23.02 -10.80
C ASP A 263 -13.17 -21.50 -10.69
N LEU A 264 -12.12 -20.75 -11.05
CA LEU A 264 -12.03 -19.28 -10.85
C LEU A 264 -12.78 -18.53 -11.96
N THR A 265 -13.22 -17.30 -11.67
CA THR A 265 -13.86 -16.35 -12.61
C THR A 265 -12.78 -15.62 -13.41
N ASP A 266 -13.18 -14.90 -14.47
CA ASP A 266 -12.27 -14.15 -15.38
C ASP A 266 -11.48 -13.10 -14.57
N ASP A 267 -12.17 -12.35 -13.70
CA ASP A 267 -11.57 -11.29 -12.85
C ASP A 267 -10.63 -11.92 -11.81
N GLU A 268 -10.88 -13.17 -11.41
CA GLU A 268 -10.08 -13.92 -10.40
C GLU A 268 -8.85 -14.54 -11.06
N GLN A 269 -9.01 -15.13 -12.25
CA GLN A 269 -7.93 -15.85 -13.00
C GLN A 269 -6.74 -14.90 -13.21
N ALA A 270 -6.99 -13.63 -13.53
CA ALA A 270 -5.98 -12.58 -13.78
C ALA A 270 -5.13 -12.34 -12.53
N ARG A 271 -5.74 -12.40 -11.35
CA ARG A 271 -5.10 -12.11 -10.04
C ARG A 271 -4.33 -13.34 -9.53
N GLN A 272 -4.86 -14.55 -9.78
CA GLN A 272 -4.37 -15.83 -9.20
C GLN A 272 -2.86 -15.95 -9.39
N ARG A 273 -2.16 -16.48 -8.37
CA ARG A 273 -0.69 -16.64 -8.32
C ARG A 273 -0.34 -18.12 -8.27
N PRO A 274 0.95 -18.50 -8.48
CA PRO A 274 1.37 -19.90 -8.39
C PRO A 274 1.61 -20.31 -6.92
N LEU A 275 2.03 -21.56 -6.70
CA LEU A 275 2.48 -22.08 -5.39
C LEU A 275 3.54 -21.12 -4.81
N VAL A 276 3.40 -20.74 -3.54
CA VAL A 276 4.32 -19.80 -2.84
C VAL A 276 5.72 -20.41 -2.82
N THR A 277 6.68 -19.73 -3.45
CA THR A 277 8.12 -20.12 -3.54
C THR A 277 8.94 -19.14 -2.70
N ARG A 278 10.13 -19.56 -2.26
CA ARG A 278 11.06 -18.73 -1.45
C ARG A 278 11.44 -17.46 -2.23
N GLN A 279 11.49 -17.55 -3.56
CA GLN A 279 11.84 -16.43 -4.48
C GLN A 279 10.64 -15.48 -4.62
N ASN A 280 9.43 -16.01 -4.87
CA ASN A 280 8.25 -15.23 -5.30
C ASN A 280 7.39 -14.80 -4.10
N ILE A 281 7.76 -15.18 -2.88
CA ILE A 281 6.95 -14.90 -1.64
C ILE A 281 6.88 -13.38 -1.42
N PHE A 282 5.67 -12.87 -1.16
CA PHE A 282 5.36 -11.46 -0.79
C PHE A 282 5.81 -10.49 -1.89
N ARG A 283 6.02 -10.96 -3.12
CA ARG A 283 6.54 -10.15 -4.25
C ARG A 283 5.38 -9.74 -5.17
N GLY A 284 5.63 -8.81 -6.09
CA GLY A 284 4.71 -8.43 -7.18
C GLY A 284 4.64 -9.52 -8.23
N ILE A 285 3.72 -9.39 -9.19
CA ILE A 285 3.48 -10.40 -10.27
C ILE A 285 3.64 -9.74 -11.65
N ALA A 286 4.48 -8.69 -11.74
CA ALA A 286 4.84 -8.00 -12.99
C ALA A 286 6.19 -8.51 -13.47
N PRO A 287 6.55 -8.31 -14.76
CA PRO A 287 7.83 -8.78 -15.29
C PRO A 287 9.04 -8.23 -14.50
N GLY A 288 9.88 -9.15 -13.98
CA GLY A 288 11.15 -8.82 -13.29
C GLY A 288 10.97 -8.66 -11.78
N ASP A 289 9.80 -9.00 -11.24
CA ASP A 289 9.52 -8.96 -9.78
C ASP A 289 10.25 -10.12 -9.09
N ASP A 290 10.12 -11.32 -9.64
CA ASP A 290 10.69 -12.59 -9.08
C ASP A 290 12.22 -12.60 -9.24
N VAL A 291 12.73 -11.99 -10.31
CA VAL A 291 14.18 -11.97 -10.67
C VAL A 291 14.94 -11.14 -9.61
N GLY A 292 16.08 -11.64 -9.15
CA GLY A 292 17.01 -10.94 -8.24
C GLY A 292 16.48 -10.89 -6.80
N PRO A 293 17.08 -10.05 -5.93
CA PRO A 293 16.61 -9.89 -4.55
C PRO A 293 15.18 -9.33 -4.47
N TYR A 294 14.58 -9.38 -3.27
CA TYR A 294 13.21 -8.87 -2.99
C TYR A 294 13.16 -7.37 -3.27
N LEU A 295 14.02 -6.60 -2.59
CA LEU A 295 14.01 -5.12 -2.59
C LEU A 295 14.66 -4.61 -3.88
N SER A 296 13.98 -3.67 -4.56
CA SER A 296 14.47 -3.00 -5.80
C SER A 296 15.75 -2.23 -5.50
N GLN A 297 16.62 -2.08 -6.49
CA GLN A 297 17.93 -1.37 -6.38
C GLN A 297 17.67 0.10 -6.04
N PHE A 298 16.62 0.71 -6.61
CA PHE A 298 16.31 2.16 -6.54
C PHE A 298 15.96 2.57 -5.10
N LEU A 299 15.65 1.62 -4.21
CA LEU A 299 15.42 1.85 -2.76
C LEU A 299 16.75 1.79 -1.99
N LEU A 300 17.82 1.26 -2.61
CA LEU A 300 19.12 0.98 -1.96
C LEU A 300 20.23 1.85 -2.57
N ILE A 301 20.53 1.65 -3.86
CA ILE A 301 21.69 2.30 -4.56
C ILE A 301 21.41 3.79 -4.74
N GLY A 302 22.47 4.56 -4.98
CA GLY A 302 22.43 5.97 -5.41
C GLY A 302 23.09 6.16 -6.76
N ASN A 303 23.86 7.23 -6.92
CA ASN A 303 24.71 7.49 -8.12
C ASN A 303 26.14 7.76 -7.66
N ASN A 304 27.10 7.75 -8.60
CA ASN A 304 28.50 8.19 -8.37
C ASN A 304 28.48 9.69 -8.09
N ALA A 305 29.21 10.14 -7.07
CA ALA A 305 29.29 11.57 -6.64
C ALA A 305 29.58 12.45 -7.85
N LEU A 306 28.82 13.54 -8.00
CA LEU A 306 28.90 14.50 -9.15
C LEU A 306 30.35 14.90 -9.39
N GLY A 307 30.83 14.78 -10.64
CA GLY A 307 32.22 15.06 -11.04
C GLY A 307 33.15 13.93 -10.63
N GLY A 308 34.34 14.27 -10.12
CA GLY A 308 35.33 13.32 -9.59
C GLY A 308 34.75 12.52 -8.42
N GLY A 309 34.29 11.31 -8.68
CA GLY A 309 33.54 10.47 -7.72
C GLY A 309 34.32 10.17 -6.45
N VAL A 310 33.93 10.80 -5.34
CA VAL A 310 34.47 10.50 -3.97
C VAL A 310 33.98 9.12 -3.54
N PHE A 311 32.74 8.76 -3.87
CA PHE A 311 32.11 7.44 -3.54
C PHE A 311 31.51 6.83 -4.82
N GLY A 312 31.03 5.58 -4.71
CA GLY A 312 30.39 4.83 -5.80
C GLY A 312 28.87 4.80 -5.67
N GLN A 313 28.20 3.91 -6.41
CA GLN A 313 26.72 3.74 -6.41
C GLN A 313 26.29 2.94 -5.17
N GLU A 314 27.19 2.13 -4.61
CA GLU A 314 26.94 1.34 -3.38
C GLU A 314 26.81 2.27 -2.17
N ALA A 315 27.30 3.50 -2.27
CA ALA A 315 27.26 4.56 -1.23
C ALA A 315 25.82 4.74 -0.72
N GLY A 316 24.86 4.88 -1.64
CA GLY A 316 23.44 5.14 -1.33
C GLY A 316 23.12 6.63 -1.31
N HIS A 317 23.85 7.41 -2.11
CA HIS A 317 23.65 8.88 -2.31
C HIS A 317 23.22 9.15 -3.75
N ILE A 318 21.97 9.54 -3.96
CA ILE A 318 21.37 9.77 -5.32
C ILE A 318 21.90 11.09 -5.87
N GLY A 319 22.17 11.15 -7.18
CA GLY A 319 22.58 12.36 -7.90
C GLY A 319 21.42 13.31 -8.10
N TYR A 320 20.97 13.95 -7.02
CA TYR A 320 19.81 14.89 -6.98
C TYR A 320 20.30 16.26 -7.47
N GLY A 321 20.63 16.34 -8.76
CA GLY A 321 21.27 17.52 -9.39
C GLY A 321 22.68 17.72 -8.87
N ALA A 322 22.86 18.73 -8.01
CA ALA A 322 24.15 19.10 -7.38
C ALA A 322 24.24 18.49 -5.97
N ILE A 323 23.15 18.58 -5.20
CA ILE A 323 23.03 18.03 -3.81
C ILE A 323 22.66 16.54 -3.90
N ARG A 324 22.53 15.87 -2.75
CA ARG A 324 22.33 14.40 -2.63
C ARG A 324 21.00 14.09 -1.94
N ILE A 325 20.47 12.88 -2.17
CA ILE A 325 19.35 12.27 -1.38
C ILE A 325 19.90 11.04 -0.65
N ASP A 326 19.90 11.07 0.68
CA ASP A 326 20.34 9.94 1.55
C ASP A 326 19.27 8.84 1.50
N GLN A 327 19.66 7.62 1.12
CA GLN A 327 18.74 6.46 0.95
C GLN A 327 18.47 5.79 2.30
N ARG A 328 19.07 6.29 3.39
CA ARG A 328 18.93 5.74 4.75
C ARG A 328 17.59 6.16 5.34
N VAL A 329 16.72 5.19 5.65
CA VAL A 329 15.37 5.40 6.25
C VAL A 329 15.51 5.41 7.77
N ARG A 330 14.62 6.13 8.48
CA ARG A 330 14.58 6.20 9.96
C ARG A 330 14.24 4.82 10.51
N LYS A 331 14.97 4.38 11.55
CA LYS A 331 14.86 3.02 12.15
C LYS A 331 13.86 3.07 13.32
N ALA A 332 12.64 2.59 13.10
CA ALA A 332 11.60 2.38 14.14
C ALA A 332 12.02 1.21 15.03
N THR A 333 11.91 1.37 16.36
CA THR A 333 12.36 0.39 17.38
C THR A 333 12.01 -1.03 16.95
N PRO A 334 13.02 -1.89 16.67
CA PRO A 334 12.78 -3.28 16.24
C PRO A 334 11.80 -4.06 17.15
N CYS A 335 10.91 -4.84 16.52
CA CYS A 335 10.01 -5.84 17.18
C CYS A 335 9.02 -5.13 18.10
N LYS A 336 8.48 -4.00 17.65
CA LYS A 336 7.47 -3.18 18.39
C LYS A 336 6.26 -2.95 17.49
N ASP A 337 5.14 -3.62 17.78
CA ASP A 337 3.84 -3.51 17.05
C ASP A 337 2.84 -2.78 17.94
N PHE A 338 1.69 -2.39 17.37
CA PHE A 338 0.61 -1.60 18.02
C PHE A 338 -0.75 -2.23 17.70
N MET A 339 -1.79 -1.81 18.43
CA MET A 339 -3.19 -2.31 18.31
C MET A 339 -3.20 -3.84 18.46
N THR A 340 -2.55 -4.35 19.51
CA THR A 340 -2.38 -5.80 19.79
C THR A 340 -3.41 -6.27 20.83
N ASN A 341 -4.18 -5.35 21.42
CA ASN A 341 -5.28 -5.66 22.37
C ASN A 341 -6.55 -4.93 21.90
N PHE A 342 -7.67 -5.19 22.58
CA PHE A 342 -9.03 -4.68 22.24
C PHE A 342 -9.08 -3.16 22.39
N GLU A 343 -8.58 -2.64 23.51
CA GLU A 343 -8.65 -1.19 23.89
C GLU A 343 -7.92 -0.36 22.82
N THR A 344 -6.65 -0.70 22.55
CA THR A 344 -5.77 -0.02 21.57
C THR A 344 -6.41 -0.06 20.18
N TRP A 345 -6.89 -1.25 19.77
CA TRP A 345 -7.56 -1.49 18.46
C TRP A 345 -8.84 -0.63 18.36
N LEU A 346 -9.75 -0.80 19.32
CA LEU A 346 -11.07 -0.12 19.38
C LEU A 346 -10.89 1.39 19.21
N ASP A 347 -10.00 1.99 20.01
CA ASP A 347 -9.76 3.46 20.07
C ASP A 347 -9.37 3.96 18.67
N VAL A 348 -8.43 3.27 18.00
CA VAL A 348 -7.98 3.58 16.61
C VAL A 348 -9.18 3.49 15.67
N GLN A 349 -10.03 2.47 15.83
CA GLN A 349 -11.26 2.24 15.02
C GLN A 349 -12.30 3.33 15.33
N ASN A 350 -12.15 4.03 16.46
CA ASN A 350 -12.96 5.23 16.84
C ASN A 350 -12.17 6.51 16.48
N GLY A 351 -11.34 6.46 15.44
CA GLY A 351 -10.57 7.60 14.91
C GLY A 351 -9.73 8.29 15.97
N ALA A 352 -9.05 7.52 16.82
CA ALA A 352 -8.07 8.02 17.80
C ALA A 352 -6.80 8.43 17.06
N ASP A 353 -6.49 9.73 17.02
CA ASP A 353 -5.34 10.30 16.28
C ASP A 353 -4.05 9.97 17.04
N LEU A 354 -3.40 8.85 16.68
CA LEU A 354 -2.15 8.35 17.31
C LEU A 354 -1.00 8.40 16.29
N ARG A 355 -0.99 9.43 15.42
CA ARG A 355 0.07 9.63 14.39
C ARG A 355 1.38 9.98 15.08
N GLY A 356 2.48 9.32 14.68
CA GLY A 356 3.86 9.64 15.11
C GLY A 356 4.07 9.45 16.60
N LEU A 357 3.39 8.48 17.22
CA LEU A 357 3.60 8.09 18.64
C LEU A 357 4.53 6.88 18.73
N GLU A 358 4.88 6.27 17.59
CA GLU A 358 5.88 5.17 17.50
C GLU A 358 7.26 5.73 17.85
N THR A 359 8.09 4.92 18.52
CA THR A 359 9.47 5.28 18.97
C THR A 359 10.48 4.89 17.90
N TYR A 360 11.59 5.63 17.81
CA TYR A 360 12.70 5.43 16.85
C TYR A 360 14.02 5.29 17.61
N VAL A 361 14.97 4.56 17.02
CA VAL A 361 16.32 4.28 17.60
C VAL A 361 17.11 5.59 17.65
N ASP A 362 17.72 5.90 18.81
CA ASP A 362 18.63 7.06 19.00
C ASP A 362 19.97 6.74 18.31
N ALA A 363 20.65 7.79 17.81
CA ALA A 363 21.91 7.68 17.04
C ALA A 363 23.07 7.27 17.96
N ASP A 364 24.09 6.63 17.38
CA ASP A 364 25.38 6.28 18.04
C ASP A 364 26.34 7.45 17.84
N PRO A 365 26.72 8.19 18.91
CA PRO A 365 27.55 9.38 18.78
C PRO A 365 28.86 9.16 18.00
N GLY A 366 29.48 7.98 18.16
CA GLY A 366 30.76 7.61 17.52
C GLY A 366 30.64 7.48 16.02
N LYS A 367 29.64 6.73 15.54
CA LYS A 367 29.40 6.45 14.10
C LYS A 367 28.98 7.74 13.38
N CYS A 368 29.29 7.84 12.08
CA CYS A 368 28.95 8.98 11.19
C CYS A 368 27.58 8.74 10.52
N ARG A 369 27.04 9.76 9.85
CA ARG A 369 25.85 9.67 8.97
C ARG A 369 24.62 9.25 9.79
N GLU A 370 24.50 9.78 11.02
CA GLU A 370 23.35 9.55 11.95
C GLU A 370 23.00 8.06 11.98
N PHE A 371 23.98 7.20 12.29
CA PHE A 371 23.81 5.73 12.41
C PHE A 371 23.72 5.34 13.89
N PRO A 372 22.89 4.35 14.28
CA PRO A 372 21.92 3.71 13.39
C PRO A 372 20.53 4.37 13.34
N ALA A 373 20.41 5.61 13.83
CA ALA A 373 19.15 6.41 13.84
C ALA A 373 18.51 6.36 12.45
N TYR A 374 19.31 6.63 11.41
CA TYR A 374 18.97 6.43 9.97
C TYR A 374 19.88 5.33 9.41
N ARG A 375 19.30 4.25 8.89
CA ARG A 375 20.03 3.09 8.31
C ARG A 375 19.38 2.67 6.99
N VAL A 376 20.02 1.73 6.27
CA VAL A 376 19.50 1.12 5.01
C VAL A 376 18.31 0.22 5.37
N ILE A 377 17.34 0.10 4.47
CA ILE A 377 16.08 -0.68 4.68
C ILE A 377 16.45 -2.16 4.86
N THR A 378 16.64 -2.59 6.11
CA THR A 378 17.19 -3.93 6.49
C THR A 378 16.05 -4.95 6.57
N THR A 379 14.99 -4.64 7.32
CA THR A 379 13.81 -5.51 7.56
C THR A 379 12.55 -4.79 7.08
N PRO A 380 11.45 -5.52 6.74
CA PRO A 380 10.18 -4.90 6.35
C PRO A 380 9.67 -3.81 7.32
N ARG A 381 10.05 -3.89 8.59
CA ARG A 381 9.83 -2.83 9.62
C ARG A 381 10.25 -1.47 9.06
N ASP A 382 11.39 -1.42 8.36
CA ASP A 382 11.96 -0.19 7.77
C ASP A 382 11.18 0.21 6.51
N LEU A 383 10.74 -0.78 5.71
CA LEU A 383 9.93 -0.57 4.48
C LEU A 383 8.54 -0.05 4.88
N ALA A 384 8.02 -0.48 6.02
CA ALA A 384 6.76 0.02 6.63
C ALA A 384 6.94 1.49 7.01
N THR A 385 8.08 1.84 7.62
CA THR A 385 8.46 3.22 8.03
C THR A 385 8.61 4.11 6.80
N TYR A 386 9.13 3.57 5.69
CA TYR A 386 9.34 4.30 4.41
C TYR A 386 7.98 4.80 3.89
N VAL A 387 7.05 3.87 3.69
CA VAL A 387 5.70 4.13 3.07
C VAL A 387 4.81 4.89 4.05
N HIS A 388 5.20 4.99 5.33
CA HIS A 388 4.43 5.65 6.42
C HIS A 388 4.30 7.15 6.13
N TYR A 389 5.40 7.82 5.76
CA TYR A 389 5.47 9.29 5.60
C TYR A 389 5.93 9.70 4.18
N ASP A 390 6.29 8.74 3.31
CA ASP A 390 6.87 9.01 1.97
C ASP A 390 5.97 10.01 1.22
N ALA A 391 6.59 10.95 0.51
CA ALA A 391 5.90 11.85 -0.45
C ALA A 391 5.37 11.00 -1.62
N LEU A 392 4.31 11.47 -2.28
CA LEU A 392 3.48 10.66 -3.20
C LEU A 392 4.34 10.06 -4.32
N TYR A 393 5.19 10.87 -4.98
CA TYR A 393 6.03 10.45 -6.14
C TYR A 393 7.48 10.21 -5.73
N GLU A 394 7.84 10.51 -4.47
CA GLU A 394 9.22 10.43 -3.92
C GLU A 394 9.93 9.16 -4.42
N ALA A 395 9.33 7.99 -4.14
CA ALA A 395 9.90 6.65 -4.39
C ALA A 395 10.26 6.48 -5.87
N TYR A 396 9.48 7.10 -6.77
CA TYR A 396 9.54 6.92 -8.25
C TYR A 396 10.30 8.08 -8.89
N LEU A 397 10.27 9.26 -8.26
CA LEU A 397 11.15 10.42 -8.61
C LEU A 397 12.60 10.03 -8.33
N ASN A 398 12.87 9.46 -7.16
CA ASN A 398 14.22 8.97 -6.74
C ASN A 398 14.72 7.95 -7.77
N ALA A 399 13.86 6.99 -8.13
CA ALA A 399 14.13 5.94 -9.16
C ALA A 399 14.46 6.61 -10.50
N CYS A 400 13.73 7.68 -10.85
CA CYS A 400 13.91 8.50 -12.09
C CYS A 400 15.29 9.17 -12.06
N LEU A 401 15.66 9.77 -10.91
CA LEU A 401 16.93 10.54 -10.72
C LEU A 401 18.13 9.58 -10.85
N ILE A 402 18.04 8.38 -10.28
CA ILE A 402 19.12 7.34 -10.32
C ILE A 402 19.39 6.98 -11.79
N LEU A 403 18.33 6.76 -12.58
CA LEU A 403 18.41 6.38 -14.02
C LEU A 403 19.05 7.53 -14.82
N LEU A 404 18.63 8.78 -14.55
CA LEU A 404 19.17 9.99 -15.23
C LEU A 404 20.66 10.15 -14.90
N GLY A 405 21.03 10.04 -13.63
CA GLY A 405 22.42 10.14 -13.13
C GLY A 405 23.29 9.01 -13.66
N MET A 406 22.73 7.79 -13.76
CA MET A 406 23.41 6.59 -14.31
C MET A 406 23.71 6.81 -15.80
N GLY A 407 22.85 7.54 -16.51
CA GLY A 407 22.97 7.82 -17.95
C GLY A 407 22.18 6.81 -18.77
N ALA A 408 20.91 6.62 -18.43
CA ALA A 408 19.99 5.64 -19.04
C ALA A 408 19.54 6.13 -20.41
N PRO A 409 19.58 5.27 -21.47
CA PRO A 409 19.00 5.62 -22.76
C PRO A 409 17.47 5.73 -22.67
N PHE A 410 16.89 6.74 -23.32
CA PHE A 410 15.43 6.94 -23.43
C PHE A 410 14.87 6.02 -24.52
N ASP A 411 13.57 5.75 -24.47
CA ASP A 411 12.80 4.96 -25.48
C ASP A 411 13.19 5.48 -26.87
N PRO A 412 13.93 4.69 -27.68
CA PRO A 412 14.40 5.14 -29.00
C PRO A 412 13.39 5.89 -29.87
N GLY A 413 12.10 5.53 -29.77
CA GLY A 413 11.00 6.19 -30.50
C GLY A 413 11.00 7.70 -30.34
N ILE A 414 11.38 8.19 -29.16
CA ILE A 414 11.45 9.65 -28.81
C ILE A 414 12.41 10.34 -29.79
N PRO A 415 12.03 11.50 -30.38
CA PRO A 415 12.89 12.24 -31.30
C PRO A 415 14.17 12.84 -30.68
N PHE A 416 15.09 13.29 -31.54
CA PHE A 416 16.38 13.96 -31.21
C PHE A 416 17.22 13.06 -30.28
N GLN A 417 17.19 11.74 -30.52
CA GLN A 417 17.89 10.72 -29.70
C GLN A 417 19.24 10.36 -30.36
N LYS A 418 19.45 10.77 -31.61
CA LYS A 418 20.66 10.44 -32.44
C LYS A 418 21.82 11.34 -31.99
N PRO A 419 23.05 11.12 -32.51
CA PRO A 419 24.18 12.01 -32.21
C PRO A 419 23.87 13.49 -32.50
N ASP A 420 24.35 14.39 -31.64
CA ASP A 420 24.07 15.85 -31.68
C ASP A 420 24.51 16.44 -33.03
N VAL A 421 25.61 15.95 -33.60
CA VAL A 421 26.17 16.43 -34.90
C VAL A 421 25.21 16.06 -36.05
N GLU A 422 24.70 14.83 -36.06
CA GLU A 422 23.84 14.31 -37.17
C GLU A 422 22.44 14.93 -37.09
N ASP A 423 21.76 14.77 -35.94
CA ASP A 423 20.35 15.21 -35.75
C ASP A 423 20.28 16.74 -35.66
N LYS A 424 21.34 17.38 -35.15
CA LYS A 424 21.43 18.86 -34.93
C LYS A 424 20.23 19.31 -34.08
N GLN A 425 19.95 18.56 -33.01
CA GLN A 425 18.92 18.88 -31.99
C GLN A 425 19.24 18.09 -30.71
N GLN A 426 18.73 18.57 -29.57
CA GLN A 426 18.87 17.91 -28.24
C GLN A 426 17.53 17.94 -27.52
N GLY A 427 17.25 16.91 -26.71
CA GLY A 427 16.02 16.80 -25.89
C GLY A 427 16.16 17.59 -24.61
N PHE A 428 15.23 18.52 -24.35
CA PHE A 428 15.16 19.34 -23.11
C PHE A 428 13.71 19.38 -22.59
N ALA A 429 12.89 20.28 -23.13
CA ALA A 429 11.55 20.63 -22.59
C ALA A 429 10.53 19.53 -22.93
N HIS A 430 10.58 18.98 -24.15
CA HIS A 430 9.53 18.09 -24.72
C HIS A 430 10.04 16.64 -24.89
N PHE A 431 11.34 16.42 -25.06
CA PHE A 431 11.93 15.06 -25.23
C PHE A 431 13.30 14.96 -24.52
N GLY A 432 13.41 15.54 -23.33
CA GLY A 432 14.61 15.51 -22.48
C GLY A 432 14.31 15.01 -21.08
N GLY A 433 15.29 15.12 -20.17
CA GLY A 433 15.14 14.80 -18.74
C GLY A 433 14.01 15.59 -18.10
N PRO A 434 13.98 16.93 -18.25
CA PRO A 434 12.91 17.76 -17.68
C PRO A 434 11.47 17.28 -17.95
N GLN A 435 11.20 16.82 -19.18
CA GLN A 435 9.86 16.32 -19.62
C GLN A 435 9.36 15.26 -18.64
N ILE A 436 10.15 14.20 -18.41
CA ILE A 436 9.73 13.03 -17.59
C ILE A 436 9.69 13.39 -16.10
N LEU A 437 10.68 14.15 -15.61
CA LEU A 437 10.80 14.53 -14.18
C LEU A 437 9.44 15.00 -13.65
N THR A 438 8.71 15.81 -14.45
CA THR A 438 7.37 16.33 -14.11
C THR A 438 6.30 15.25 -14.36
N LEU A 439 6.40 14.50 -15.47
CA LEU A 439 5.39 13.49 -15.90
C LEU A 439 5.06 12.53 -14.74
N VAL A 440 6.09 12.00 -14.06
CA VAL A 440 5.94 11.06 -12.91
C VAL A 440 5.15 11.74 -11.78
N CYS A 441 5.38 13.04 -11.57
CA CYS A 441 4.72 13.86 -10.52
C CYS A 441 3.26 14.15 -10.94
N GLU A 442 3.05 14.53 -12.20
CA GLU A 442 1.71 14.86 -12.79
C GLU A 442 0.73 13.72 -12.53
N ALA A 443 1.10 12.50 -12.94
CA ALA A 443 0.25 11.29 -13.04
C ALA A 443 -0.43 10.97 -11.70
N ALA A 444 0.26 11.18 -10.58
CA ALA A 444 -0.10 10.69 -9.24
C ALA A 444 -1.43 11.28 -8.76
N THR A 445 -1.61 12.59 -8.88
CA THR A 445 -2.86 13.31 -8.48
C THR A 445 -4.03 12.84 -9.35
N ARG A 446 -3.78 12.64 -10.66
CA ARG A 446 -4.77 12.06 -11.61
C ARG A 446 -5.14 10.66 -11.11
N GLY A 447 -4.15 9.91 -10.60
CA GLY A 447 -4.31 8.54 -10.08
C GLY A 447 -5.07 8.50 -8.76
N LEU A 448 -4.72 9.36 -7.81
CA LEU A 448 -5.30 9.37 -6.44
C LEU A 448 -6.81 9.64 -6.48
N LYS A 449 -7.25 10.57 -7.35
CA LYS A 449 -8.68 10.92 -7.53
C LYS A 449 -9.45 9.71 -8.05
N ALA A 450 -8.88 9.00 -9.04
CA ALA A 450 -9.49 7.83 -9.72
C ALA A 450 -9.82 6.73 -8.72
N VAL A 451 -8.92 6.49 -7.75
CA VAL A 451 -9.02 5.38 -6.75
C VAL A 451 -9.88 5.84 -5.56
N SER A 452 -9.78 7.13 -5.18
CA SER A 452 -10.57 7.74 -4.07
C SER A 452 -12.07 7.53 -4.31
N PHE A 453 -12.48 7.38 -5.57
CA PHE A 453 -13.86 6.98 -5.98
C PHE A 453 -14.09 5.52 -5.60
N GLN A 454 -13.21 4.62 -6.06
CA GLN A 454 -13.30 3.14 -5.87
C GLN A 454 -13.33 2.80 -4.37
N LYS A 455 -12.56 3.55 -3.57
CA LYS A 455 -12.44 3.35 -2.10
C LYS A 455 -13.77 3.66 -1.41
N PHE A 456 -14.26 4.89 -1.59
CA PHE A 456 -15.40 5.48 -0.83
C PHE A 456 -16.73 5.21 -1.52
N ASN A 457 -16.83 5.53 -2.81
CA ASN A 457 -18.11 5.62 -3.56
C ASN A 457 -18.60 4.22 -3.97
N VAL A 458 -17.68 3.31 -4.31
CA VAL A 458 -18.00 1.98 -4.92
C VAL A 458 -17.92 0.88 -3.85
N HIS A 459 -16.72 0.43 -3.50
CA HIS A 459 -16.46 -0.84 -2.78
C HIS A 459 -16.68 -0.67 -1.27
N ARG A 460 -15.88 0.21 -0.63
CA ARG A 460 -15.87 0.44 0.83
C ARG A 460 -15.45 -0.84 1.55
N ARG A 461 -14.40 -1.51 1.07
CA ARG A 461 -13.83 -2.73 1.69
C ARG A 461 -13.13 -2.35 2.99
N LEU A 462 -13.32 -3.17 4.03
CA LEU A 462 -12.71 -3.00 5.38
C LEU A 462 -11.18 -3.11 5.28
N ARG A 463 -10.45 -2.47 6.20
CA ARG A 463 -8.97 -2.55 6.29
C ARG A 463 -8.58 -3.88 6.92
N PRO A 464 -7.38 -4.43 6.62
CA PRO A 464 -6.94 -5.70 7.21
C PRO A 464 -7.05 -5.73 8.75
N GLU A 465 -6.81 -4.59 9.40
CA GLU A 465 -6.93 -4.41 10.87
C GLU A 465 -8.38 -4.69 11.30
N ALA A 466 -9.36 -4.17 10.55
CA ALA A 466 -10.80 -4.31 10.82
C ALA A 466 -11.19 -5.79 10.78
N LEU A 467 -10.75 -6.52 9.75
CA LEU A 467 -10.95 -7.99 9.61
C LEU A 467 -10.26 -8.71 10.77
N GLY A 468 -9.03 -8.31 11.10
CA GLY A 468 -8.27 -8.80 12.26
C GLY A 468 -9.06 -8.68 13.55
N GLY A 469 -9.84 -7.61 13.68
CA GLY A 469 -10.77 -7.38 14.80
C GLY A 469 -11.88 -8.41 14.83
N LEU A 470 -12.54 -8.64 13.68
CA LEU A 470 -13.69 -9.56 13.53
C LEU A 470 -13.29 -10.97 13.99
N VAL A 471 -12.08 -11.41 13.63
CA VAL A 471 -11.51 -12.74 13.99
C VAL A 471 -11.47 -12.86 15.52
N ASP A 472 -10.94 -11.82 16.20
CA ASP A 472 -10.87 -11.74 17.68
C ASP A 472 -12.29 -11.72 18.26
N ARG A 473 -13.14 -10.80 17.78
CA ARG A 473 -14.53 -10.60 18.26
C ARG A 473 -15.32 -11.91 18.14
N TYR A 474 -15.20 -12.60 17.01
CA TYR A 474 -15.84 -13.93 16.75
C TYR A 474 -15.29 -14.96 17.74
N LYS A 475 -13.96 -15.03 17.89
CA LYS A 475 -13.26 -16.04 18.71
C LYS A 475 -13.49 -15.77 20.20
N HIS A 476 -13.89 -14.54 20.56
CA HIS A 476 -14.34 -14.13 21.92
C HIS A 476 -15.87 -14.27 22.03
N GLY A 477 -16.51 -14.88 21.03
CA GLY A 477 -17.96 -15.14 20.98
C GLY A 477 -18.79 -13.87 21.16
N LYS A 478 -18.32 -12.74 20.62
CA LYS A 478 -19.01 -11.43 20.67
C LYS A 478 -19.89 -11.27 19.43
N GLY A 479 -20.69 -10.20 19.38
CA GLY A 479 -21.68 -9.94 18.32
C GLY A 479 -23.06 -10.46 18.71
N ALA A 480 -24.10 -10.02 17.99
CA ALA A 480 -25.52 -10.32 18.27
C ALA A 480 -26.01 -11.48 17.38
N GLY A 481 -26.34 -12.60 18.01
CA GLY A 481 -26.96 -13.78 17.34
C GLY A 481 -26.05 -14.39 16.30
N ASP A 482 -26.32 -14.13 15.02
CA ASP A 482 -25.61 -14.72 13.85
C ASP A 482 -24.89 -13.61 13.07
N GLU A 483 -24.48 -12.54 13.76
CA GLU A 483 -23.84 -11.33 13.16
C GLU A 483 -22.50 -11.72 12.52
N LEU A 484 -21.61 -12.34 13.30
CA LEU A 484 -20.23 -12.71 12.88
C LEU A 484 -20.18 -14.16 12.38
N LYS A 485 -21.28 -14.66 11.81
CA LYS A 485 -21.32 -16.03 11.20
C LYS A 485 -20.50 -16.04 9.91
N PRO A 486 -20.58 -15.02 9.03
CA PRO A 486 -19.79 -14.98 7.80
C PRO A 486 -18.29 -15.26 7.95
N VAL A 487 -17.66 -14.75 9.02
CA VAL A 487 -16.18 -14.84 9.23
C VAL A 487 -15.81 -16.21 9.82
N ALA A 488 -16.79 -16.97 10.33
CA ALA A 488 -16.60 -18.32 10.93
C ALA A 488 -15.67 -19.15 10.03
N ALA A 489 -16.05 -19.34 8.76
CA ALA A 489 -15.32 -20.14 7.75
C ALA A 489 -13.86 -19.69 7.66
N LEU A 490 -13.63 -18.38 7.63
CA LEU A 490 -12.27 -17.75 7.58
C LEU A 490 -11.45 -18.20 8.79
N VAL A 491 -12.00 -18.02 9.99
CA VAL A 491 -11.31 -18.22 11.30
C VAL A 491 -10.93 -19.70 11.45
N GLU A 492 -11.75 -20.61 10.91
CA GLU A 492 -11.50 -22.08 10.91
C GLU A 492 -10.18 -22.35 10.17
N ALA A 493 -10.07 -21.87 8.93
CA ALA A 493 -8.94 -22.08 8.00
C ALA A 493 -7.63 -21.59 8.63
N LEU A 494 -7.64 -20.37 9.19
CA LEU A 494 -6.46 -19.73 9.82
C LEU A 494 -6.01 -20.55 11.04
N GLU A 495 -6.96 -21.05 11.83
CA GLU A 495 -6.68 -21.83 13.07
C GLU A 495 -6.28 -23.27 12.72
N ASN A 496 -6.79 -23.80 11.60
CA ASN A 496 -6.55 -25.20 11.16
C ASN A 496 -5.15 -25.34 10.55
N VAL A 497 -4.54 -24.24 10.10
CA VAL A 497 -3.10 -24.20 9.67
C VAL A 497 -2.23 -23.76 10.85
N GLY A 498 -2.86 -23.43 11.98
CA GLY A 498 -2.19 -23.07 13.25
C GLY A 498 -1.52 -21.71 13.18
N LEU A 499 -2.11 -20.76 12.44
CA LEU A 499 -1.60 -19.38 12.30
C LEU A 499 -2.05 -18.56 13.51
N LEU A 500 -3.35 -18.61 13.85
CA LEU A 500 -3.94 -17.89 15.02
C LEU A 500 -3.22 -18.31 16.31
N SER A 501 -2.81 -19.58 16.41
CA SER A 501 -2.08 -20.17 17.56
C SER A 501 -0.79 -19.39 17.84
N LYS A 502 -0.15 -18.85 16.79
CA LYS A 502 1.12 -18.07 16.88
C LYS A 502 0.80 -16.59 17.12
N VAL A 503 -0.30 -16.09 16.55
CA VAL A 503 -0.72 -14.66 16.62
C VAL A 503 -1.02 -14.29 18.08
N VAL A 504 -1.72 -15.16 18.81
CA VAL A 504 -2.10 -14.94 20.25
C VAL A 504 -0.82 -14.96 21.11
N ALA A 505 0.13 -15.83 20.78
CA ALA A 505 1.43 -15.97 21.47
C ALA A 505 2.28 -14.72 21.24
N HIS A 506 2.29 -14.21 20.01
CA HIS A 506 3.00 -12.96 19.59
C HIS A 506 2.40 -11.75 20.31
N ASN A 507 1.07 -11.63 20.29
CA ASN A 507 0.30 -10.52 20.90
C ASN A 507 0.55 -10.48 22.42
N GLN A 508 0.60 -11.66 23.07
CA GLN A 508 0.82 -11.81 24.53
C GLN A 508 2.14 -11.11 24.92
N LEU A 509 3.22 -11.40 24.18
CA LEU A 509 4.56 -10.79 24.41
C LEU A 509 4.51 -9.28 24.16
N GLN A 510 3.73 -8.85 23.16
CA GLN A 510 3.61 -7.41 22.76
C GLN A 510 2.84 -6.64 23.83
N ASN A 511 1.92 -7.30 24.55
CA ASN A 511 1.04 -6.70 25.58
C ASN A 511 1.77 -6.62 26.93
N GLN A 512 2.98 -7.20 27.04
CA GLN A 512 3.83 -7.12 28.25
C GLN A 512 4.52 -5.75 28.31
N ASN A 513 4.51 -4.99 27.20
CA ASN A 513 5.00 -3.59 27.12
C ASN A 513 4.19 -2.72 28.10
N LEU A 514 4.87 -1.82 28.83
CA LEU A 514 4.28 -1.00 29.92
C LEU A 514 3.20 -0.06 29.38
N ASP A 515 3.27 0.32 28.10
CA ASP A 515 2.35 1.29 27.45
C ASP A 515 0.93 0.71 27.37
N ARG A 516 0.78 -0.62 27.28
CA ARG A 516 -0.52 -1.30 27.08
C ARG A 516 -0.72 -2.47 28.06
N SER A 517 0.19 -2.68 29.03
CA SER A 517 0.10 -3.77 30.04
C SER A 517 -1.06 -3.47 31.00
N GLY A 518 -1.33 -2.18 31.25
CA GLY A 518 -2.42 -1.71 32.14
C GLY A 518 -3.79 -1.93 31.52
N ASP A 519 -3.87 -2.05 30.18
CA ASP A 519 -5.13 -2.29 29.42
C ASP A 519 -5.69 -3.65 29.83
N PRO A 520 -6.96 -3.73 30.27
CA PRO A 520 -7.56 -4.98 30.74
C PRO A 520 -7.37 -6.23 29.84
N SER A 521 -7.50 -6.06 28.52
CA SER A 521 -7.54 -7.15 27.52
C SER A 521 -6.17 -7.81 27.35
N SER A 522 -5.09 -7.16 27.81
CA SER A 522 -3.70 -7.68 27.83
C SER A 522 -3.65 -9.03 28.57
N ALA A 523 -4.42 -9.16 29.66
CA ALA A 523 -4.52 -10.36 30.51
C ALA A 523 -4.99 -11.56 29.68
N GLY A 524 -6.07 -11.39 28.92
CA GLY A 524 -6.67 -12.43 28.07
C GLY A 524 -5.92 -12.61 26.76
N ASP A 525 -6.37 -13.55 25.92
CA ASP A 525 -5.79 -13.86 24.59
C ASP A 525 -6.27 -12.81 23.58
N ASN A 526 -5.41 -12.45 22.62
CA ASN A 526 -5.68 -11.41 21.59
C ASN A 526 -5.37 -11.98 20.21
N TYR A 527 -6.36 -11.98 19.31
CA TYR A 527 -6.27 -12.51 17.92
C TYR A 527 -6.14 -11.36 16.91
N PHE A 528 -5.94 -10.13 17.40
CA PHE A 528 -5.85 -8.89 16.57
C PHE A 528 -4.57 -8.94 15.72
N LEU A 529 -4.63 -8.35 14.52
CA LEU A 529 -3.48 -8.21 13.58
C LEU A 529 -2.55 -7.13 14.12
N PRO A 530 -1.28 -7.46 14.46
CA PRO A 530 -0.33 -6.44 14.92
C PRO A 530 -0.06 -5.37 13.85
N MET A 531 -0.24 -4.10 14.20
CA MET A 531 -0.05 -2.93 13.29
C MET A 531 1.35 -2.33 13.50
N ALA A 532 2.01 -1.95 12.40
CA ALA A 532 3.37 -1.35 12.38
C ALA A 532 3.30 0.09 12.90
N PHE A 533 2.17 0.77 12.73
CA PHE A 533 1.92 2.16 13.17
C PHE A 533 0.94 2.15 14.35
N PRO A 534 1.03 3.13 15.29
CA PRO A 534 0.09 3.22 16.40
C PRO A 534 -1.36 3.45 15.95
N GLU A 535 -1.55 4.27 14.91
CA GLU A 535 -2.87 4.63 14.34
C GLU A 535 -3.28 3.62 13.26
N GLY A 536 -2.40 2.67 12.91
CA GLY A 536 -2.62 1.65 11.87
C GLY A 536 -2.86 2.30 10.51
N SER A 537 -3.94 1.90 9.82
CA SER A 537 -4.33 2.39 8.47
C SER A 537 -4.77 3.84 8.55
N PRO A 538 -4.83 4.57 7.40
CA PRO A 538 -5.42 5.91 7.37
C PRO A 538 -6.94 5.87 7.53
N MET A 539 -7.59 7.03 7.38
CA MET A 539 -9.07 7.20 7.50
C MET A 539 -9.69 7.21 6.10
N HIS A 540 -9.50 6.13 5.34
CA HIS A 540 -10.19 5.87 4.04
C HIS A 540 -10.18 4.37 3.74
N PRO A 541 -11.24 3.83 3.08
CA PRO A 541 -11.37 2.38 2.87
C PRO A 541 -10.16 1.69 2.20
N SER A 542 -10.07 0.37 2.37
CA SER A 542 -8.91 -0.47 2.01
C SER A 542 -8.79 -0.60 0.49
N TYR A 543 -9.80 -1.16 -0.17
CA TYR A 543 -9.74 -1.57 -1.60
C TYR A 543 -9.58 -0.33 -2.48
N GLY A 544 -8.52 -0.33 -3.30
CA GLY A 544 -8.01 0.86 -4.00
C GLY A 544 -6.86 1.48 -3.22
N ALA A 545 -5.67 0.87 -3.30
CA ALA A 545 -4.46 1.29 -2.55
C ALA A 545 -3.95 2.64 -3.08
N GLY A 546 -3.93 3.66 -2.22
CA GLY A 546 -3.41 5.00 -2.53
C GLY A 546 -1.97 4.96 -3.03
N HIS A 547 -1.14 4.11 -2.43
CA HIS A 547 0.30 3.95 -2.75
C HIS A 547 0.48 3.22 -4.09
N ALA A 548 -0.32 2.19 -4.34
CA ALA A 548 -0.21 1.29 -5.52
C ALA A 548 -0.70 2.01 -6.79
N THR A 549 -1.77 2.79 -6.69
CA THR A 549 -2.34 3.58 -7.82
C THR A 549 -1.31 4.61 -8.30
N VAL A 550 -0.62 5.27 -7.36
CA VAL A 550 0.46 6.26 -7.63
C VAL A 550 1.64 5.51 -8.27
N ALA A 551 2.02 4.35 -7.70
CA ALA A 551 3.09 3.45 -8.22
C ALA A 551 2.76 3.04 -9.65
N GLY A 552 1.63 2.36 -9.84
CA GLY A 552 1.15 1.87 -11.15
C GLY A 552 1.15 2.96 -12.20
N ALA A 553 0.79 4.18 -11.83
CA ALA A 553 0.72 5.37 -12.71
C ALA A 553 2.13 5.91 -12.97
N CYS A 554 2.95 6.04 -11.93
CA CYS A 554 4.27 6.73 -11.97
C CYS A 554 5.30 5.92 -12.77
N VAL A 555 5.48 4.63 -12.46
CA VAL A 555 6.54 3.77 -13.07
C VAL A 555 6.14 3.44 -14.52
N THR A 556 4.84 3.43 -14.82
CA THR A 556 4.30 3.30 -16.21
C THR A 556 4.84 4.45 -17.06
N MET A 557 4.84 5.68 -16.52
CA MET A 557 5.39 6.90 -17.17
C MET A 557 6.91 6.74 -17.35
N LEU A 558 7.60 6.21 -16.33
CA LEU A 558 9.07 5.95 -16.36
C LEU A 558 9.39 4.91 -17.43
N LYS A 559 8.73 3.76 -17.40
CA LYS A 559 8.91 2.64 -18.37
C LYS A 559 8.65 3.14 -19.79
N ALA A 560 7.57 3.90 -19.99
CA ALA A 560 7.14 4.46 -21.30
C ALA A 560 8.24 5.36 -21.87
N PHE A 561 8.76 6.28 -21.06
CA PHE A 561 9.72 7.33 -21.46
C PHE A 561 11.12 6.73 -21.66
N PHE A 562 11.61 5.98 -20.66
CA PHE A 562 12.95 5.34 -20.66
C PHE A 562 12.93 4.12 -21.60
N ASP A 563 14.12 3.58 -21.90
CA ASP A 563 14.29 2.28 -22.59
C ASP A 563 14.13 1.18 -21.54
N HIS A 564 12.90 0.66 -21.41
CA HIS A 564 12.45 -0.32 -20.39
C HIS A 564 13.39 -1.54 -20.33
N GLY A 565 13.98 -1.93 -21.46
CA GLY A 565 14.86 -3.11 -21.57
C GLY A 565 16.23 -2.90 -20.93
N TRP A 566 16.66 -1.65 -20.73
CA TRP A 566 18.08 -1.29 -20.47
C TRP A 566 18.59 -2.04 -19.23
N GLN A 567 19.48 -3.01 -19.43
CA GLN A 567 20.13 -3.81 -18.37
C GLN A 567 21.00 -2.86 -17.54
N LEU A 568 20.68 -2.68 -16.25
CA LEU A 568 21.46 -1.83 -15.30
C LEU A 568 22.80 -2.52 -15.04
N ASN A 569 23.90 -1.96 -15.54
CA ASN A 569 25.27 -2.49 -15.30
C ASN A 569 25.84 -1.83 -14.06
N LEU A 570 25.76 -2.52 -12.92
CA LEU A 570 26.35 -2.10 -11.61
C LEU A 570 27.69 -2.80 -11.41
N GLY A 571 28.47 -2.97 -12.49
CA GLY A 571 29.74 -3.71 -12.51
C GLY A 571 29.52 -5.22 -12.55
N MET A 572 30.61 -5.98 -12.53
CA MET A 572 30.61 -7.48 -12.50
C MET A 572 31.70 -7.96 -11.53
N ALA A 573 31.53 -9.17 -10.98
CA ALA A 573 32.47 -9.84 -10.07
C ALA A 573 32.50 -11.35 -10.37
N ASN A 574 33.66 -11.86 -10.79
CA ASN A 574 33.91 -13.30 -11.05
C ASN A 574 32.90 -13.83 -12.08
N GLY A 575 32.69 -13.08 -13.16
CA GLY A 575 31.86 -13.48 -14.32
C GLY A 575 30.38 -13.57 -13.99
N LYS A 576 29.91 -12.83 -12.99
CA LYS A 576 28.48 -12.74 -12.59
C LYS A 576 28.12 -11.26 -12.39
N TYR A 577 26.87 -10.89 -12.73
CA TYR A 577 26.36 -9.49 -12.68
C TYR A 577 26.03 -9.10 -11.24
N ILE A 578 26.58 -7.97 -10.78
CA ILE A 578 26.48 -7.49 -9.37
C ILE A 578 25.10 -6.85 -9.15
N SER A 579 24.42 -7.27 -8.07
CA SER A 579 23.19 -6.63 -7.52
C SER A 579 23.39 -6.41 -6.01
N TYR A 580 22.58 -5.55 -5.38
CA TYR A 580 22.75 -5.08 -3.99
C TYR A 580 21.51 -5.40 -3.15
N GLU A 581 21.72 -5.59 -1.84
CA GLU A 581 20.67 -5.76 -0.80
C GLU A 581 21.27 -5.32 0.53
N PRO A 582 20.44 -5.03 1.57
CA PRO A 582 20.97 -4.57 2.86
C PRO A 582 21.89 -5.59 3.55
N ASN A 583 22.78 -5.13 4.42
CA ASN A 583 23.64 -5.99 5.30
C ASN A 583 22.96 -6.07 6.68
N GLN A 584 23.48 -6.91 7.57
CA GLN A 584 22.78 -7.41 8.79
C GLN A 584 22.30 -6.24 9.66
N ASP A 585 23.09 -5.15 9.77
CA ASP A 585 22.80 -3.98 10.64
C ASP A 585 22.40 -2.76 9.81
N GLY A 586 22.52 -2.85 8.48
CA GLY A 586 22.16 -1.76 7.54
C GLY A 586 23.25 -0.72 7.41
N SER A 587 24.50 -1.07 7.72
CA SER A 587 25.70 -0.20 7.64
C SER A 587 25.98 0.17 6.17
N SER A 588 25.93 -0.82 5.28
CA SER A 588 26.18 -0.67 3.82
C SER A 588 25.41 -1.75 3.05
N LEU A 589 25.52 -1.75 1.72
CA LEU A 589 24.86 -2.73 0.81
C LEU A 589 25.76 -3.97 0.69
N GLN A 590 25.14 -5.14 0.51
CA GLN A 590 25.82 -6.47 0.38
C GLN A 590 25.57 -7.00 -1.04
N GLN A 591 26.62 -7.52 -1.69
CA GLN A 591 26.58 -7.96 -3.11
C GLN A 591 25.82 -9.29 -3.24
N VAL A 592 24.85 -9.33 -4.16
CA VAL A 592 24.18 -10.58 -4.66
C VAL A 592 24.51 -10.70 -6.15
N LEU A 593 25.24 -11.76 -6.53
CA LEU A 593 25.76 -11.98 -7.90
C LEU A 593 24.77 -12.84 -8.70
N LEU A 594 24.20 -12.27 -9.77
CA LEU A 594 23.10 -12.89 -10.57
C LEU A 594 23.69 -13.48 -11.87
N ASP A 595 22.96 -14.43 -12.47
CA ASP A 595 23.30 -15.06 -13.78
C ASP A 595 23.11 -14.01 -14.89
N CYS A 596 21.93 -13.40 -14.94
CA CYS A 596 21.55 -12.30 -15.86
C CYS A 596 21.41 -10.99 -15.08
N PRO A 597 21.64 -9.82 -15.72
CA PRO A 597 21.53 -8.54 -15.03
C PRO A 597 20.06 -8.06 -14.91
N LEU A 598 19.84 -7.03 -14.11
CA LEU A 598 18.49 -6.43 -13.84
C LEU A 598 18.25 -5.30 -14.85
N THR A 599 17.03 -5.21 -15.38
CA THR A 599 16.61 -4.22 -16.41
C THR A 599 16.02 -2.98 -15.74
N VAL A 600 15.80 -1.91 -16.51
CA VAL A 600 15.08 -0.67 -16.08
C VAL A 600 13.66 -1.05 -15.67
N GLU A 601 12.97 -1.82 -16.52
CA GLU A 601 11.57 -2.27 -16.30
C GLU A 601 11.48 -3.09 -15.01
N GLY A 602 12.25 -4.19 -14.93
CA GLY A 602 12.24 -5.15 -13.81
C GLY A 602 12.31 -4.45 -12.46
N GLU A 603 13.23 -3.49 -12.31
CA GLU A 603 13.50 -2.75 -11.05
C GLU A 603 12.43 -1.67 -10.83
N LEU A 604 11.89 -1.09 -11.91
CA LEU A 604 10.76 -0.13 -11.85
C LEU A 604 9.47 -0.88 -11.49
N ASN A 605 9.33 -2.12 -11.94
CA ASN A 605 8.19 -3.02 -11.60
C ASN A 605 8.35 -3.53 -10.16
N LYS A 606 9.60 -3.70 -9.70
CA LYS A 606 9.93 -4.27 -8.37
C LYS A 606 9.74 -3.19 -7.29
N ILE A 607 10.16 -1.95 -7.54
CA ILE A 607 9.96 -0.80 -6.61
C ILE A 607 8.47 -0.49 -6.51
N ALA A 608 7.74 -0.61 -7.62
CA ALA A 608 6.26 -0.42 -7.69
C ALA A 608 5.58 -1.36 -6.70
N ALA A 609 6.07 -2.62 -6.62
CA ALA A 609 5.59 -3.65 -5.67
C ALA A 609 6.05 -3.31 -4.25
N ASN A 610 7.34 -3.00 -4.07
CA ASN A 610 7.99 -2.74 -2.76
C ASN A 610 7.17 -1.71 -1.97
N ILE A 611 6.85 -0.57 -2.58
CA ILE A 611 6.11 0.57 -1.94
C ILE A 611 4.66 0.14 -1.69
N SER A 612 4.03 -0.51 -2.67
CA SER A 612 2.61 -0.98 -2.62
C SER A 612 2.45 -2.09 -1.58
N ILE A 613 3.27 -3.14 -1.69
CA ILE A 613 3.28 -4.32 -0.77
C ILE A 613 3.81 -3.86 0.60
N GLY A 614 4.67 -2.83 0.62
CA GLY A 614 5.19 -2.20 1.85
C GLY A 614 4.08 -1.85 2.83
N ARG A 615 2.91 -1.50 2.32
CA ARG A 615 1.69 -1.19 3.14
C ARG A 615 1.11 -2.50 3.70
N ASP A 616 1.21 -3.60 2.95
CA ASP A 616 0.76 -4.95 3.40
C ASP A 616 1.61 -5.41 4.59
N TRP A 617 2.92 -5.09 4.57
CA TRP A 617 3.88 -5.39 5.67
C TRP A 617 3.47 -4.61 6.93
N ALA A 618 3.04 -3.36 6.76
CA ALA A 618 2.51 -2.49 7.85
C ALA A 618 1.17 -3.04 8.34
N GLY A 619 0.43 -3.74 7.47
CA GLY A 619 -0.84 -4.40 7.78
C GLY A 619 -2.04 -3.50 7.53
N VAL A 620 -1.94 -2.61 6.53
CA VAL A 620 -2.98 -1.61 6.17
C VAL A 620 -3.53 -1.90 4.76
N HIS A 621 -3.07 -2.96 4.09
CA HIS A 621 -3.51 -3.36 2.72
C HIS A 621 -3.42 -4.87 2.52
N TYR A 622 -4.20 -5.39 1.56
CA TYR A 622 -4.15 -6.78 1.05
C TYR A 622 -3.33 -6.82 -0.24
N PHE A 623 -3.25 -7.98 -0.89
CA PHE A 623 -2.57 -8.16 -2.21
C PHE A 623 -3.46 -7.60 -3.33
N THR A 624 -4.76 -7.94 -3.32
CA THR A 624 -5.78 -7.48 -4.30
C THR A 624 -5.78 -5.95 -4.36
N ASP A 625 -5.57 -5.28 -3.21
CA ASP A 625 -5.46 -3.81 -3.09
C ASP A 625 -4.30 -3.30 -3.97
N TYR A 626 -3.16 -3.99 -3.93
CA TYR A 626 -1.94 -3.66 -4.72
C TYR A 626 -2.20 -3.86 -6.21
N ILE A 627 -2.45 -5.11 -6.62
CA ILE A 627 -2.39 -5.56 -8.05
C ILE A 627 -3.43 -4.81 -8.88
N GLU A 628 -4.67 -4.68 -8.40
CA GLU A 628 -5.80 -4.07 -9.16
C GLU A 628 -5.62 -2.55 -9.23
N SER A 629 -5.08 -1.94 -8.17
CA SER A 629 -4.71 -0.51 -8.11
C SER A 629 -3.54 -0.24 -9.07
N LEU A 630 -2.60 -1.18 -9.17
CA LEU A 630 -1.44 -1.13 -10.10
C LEU A 630 -1.95 -1.12 -11.55
N ARG A 631 -2.96 -1.95 -11.85
CA ARG A 631 -3.61 -2.02 -13.18
C ARG A 631 -4.37 -0.71 -13.45
N LEU A 632 -5.07 -0.19 -12.44
CA LEU A 632 -5.85 1.07 -12.50
C LEU A 632 -4.91 2.24 -12.80
N GLY A 633 -3.87 2.42 -11.97
CA GLY A 633 -2.86 3.48 -12.10
C GLY A 633 -2.26 3.53 -13.49
N GLU A 634 -1.95 2.36 -14.07
CA GLU A 634 -1.38 2.20 -15.44
C GLU A 634 -2.33 2.79 -16.47
N LYS A 635 -3.63 2.52 -16.36
CA LYS A 635 -4.67 3.00 -17.30
C LYS A 635 -4.78 4.52 -17.25
N ILE A 636 -4.62 5.12 -16.06
CA ILE A 636 -4.60 6.60 -15.85
C ILE A 636 -3.40 7.16 -16.60
N ALA A 637 -2.21 6.58 -16.38
CA ALA A 637 -0.91 7.00 -16.97
C ALA A 637 -0.96 6.94 -18.49
N ILE A 638 -1.37 5.80 -19.06
CA ILE A 638 -1.53 5.59 -20.53
C ILE A 638 -2.50 6.63 -21.07
N GLY A 639 -3.62 6.84 -20.37
CA GLY A 639 -4.67 7.81 -20.73
C GLY A 639 -4.13 9.22 -20.86
N ILE A 640 -3.27 9.65 -19.93
CA ILE A 640 -2.61 10.99 -19.93
C ILE A 640 -1.75 11.10 -21.19
N LEU A 641 -0.84 10.14 -21.40
CA LEU A 641 0.14 10.11 -22.52
C LEU A 641 -0.60 10.12 -23.86
N GLU A 642 -1.67 9.34 -23.99
CA GLU A 642 -2.54 9.27 -25.20
C GLU A 642 -3.07 10.67 -25.54
N GLU A 643 -3.57 11.39 -24.53
CA GLU A 643 -4.18 12.74 -24.68
C GLU A 643 -3.09 13.77 -25.03
N GLN A 644 -1.88 13.61 -24.48
CA GLN A 644 -0.76 14.58 -24.62
C GLN A 644 -0.11 14.48 -26.01
N LYS A 645 -0.30 13.37 -26.73
CA LYS A 645 0.36 13.12 -28.04
C LYS A 645 -0.23 14.03 -29.12
N LEU A 646 -1.42 14.60 -28.89
CA LEU A 646 -2.08 15.57 -29.80
C LEU A 646 -1.27 16.89 -29.83
N THR A 647 -0.58 17.21 -28.73
CA THR A 647 0.19 18.47 -28.55
C THR A 647 1.45 18.44 -29.42
N TYR A 648 2.27 17.39 -29.28
CA TYR A 648 3.55 17.20 -30.03
C TYR A 648 3.24 17.09 -31.53
N GLY A 649 4.05 17.77 -32.36
CA GLY A 649 3.90 17.78 -33.83
C GLY A 649 4.89 16.87 -34.53
N GLU A 650 5.75 16.17 -33.76
CA GLU A 650 6.81 15.27 -34.28
C GLU A 650 6.18 13.93 -34.70
N ASN A 651 5.15 13.48 -33.99
CA ASN A 651 4.36 12.25 -34.28
C ASN A 651 5.27 11.01 -34.18
N PHE A 652 6.13 11.01 -33.16
CA PHE A 652 6.94 9.87 -32.65
C PHE A 652 6.03 8.71 -32.19
N THR A 653 6.62 7.73 -31.51
CA THR A 653 5.91 6.63 -30.79
C THR A 653 6.63 6.33 -29.46
N MET A 654 5.88 5.94 -28.44
CA MET A 654 6.37 5.49 -27.11
C MET A 654 5.91 4.04 -26.87
N THR A 655 6.85 3.11 -26.68
CA THR A 655 6.57 1.69 -26.31
C THR A 655 6.42 1.60 -24.78
N VAL A 656 5.21 1.28 -24.32
CA VAL A 656 4.83 1.21 -22.88
C VAL A 656 4.61 -0.25 -22.50
N PRO A 657 5.56 -0.91 -21.80
CA PRO A 657 5.37 -2.30 -21.36
C PRO A 657 4.33 -2.37 -20.23
N LEU A 658 3.33 -3.24 -20.39
CA LEU A 658 2.23 -3.46 -19.41
C LEU A 658 2.70 -4.48 -18.36
N TYR A 659 2.06 -4.46 -17.18
CA TYR A 659 2.35 -5.38 -16.05
C TYR A 659 1.83 -6.79 -16.39
N ASP A 660 0.95 -6.91 -17.38
CA ASP A 660 0.37 -8.18 -17.87
C ASP A 660 1.04 -8.59 -19.19
N GLY A 661 2.38 -8.62 -19.22
CA GLY A 661 3.19 -9.17 -20.33
C GLY A 661 3.53 -8.12 -21.38
N GLY A 662 2.85 -8.18 -22.53
CA GLY A 662 3.18 -7.42 -23.76
C GLY A 662 3.08 -5.91 -23.55
N SER A 663 3.57 -5.13 -24.52
CA SER A 663 3.66 -3.65 -24.49
C SER A 663 2.69 -3.03 -25.49
N ILE A 664 2.18 -1.83 -25.17
CA ILE A 664 1.30 -0.99 -26.05
C ILE A 664 2.15 0.12 -26.66
N GLN A 665 1.84 0.52 -27.89
CA GLN A 665 2.52 1.64 -28.62
C GLN A 665 1.65 2.90 -28.50
N ILE A 666 2.28 4.03 -28.11
CA ILE A 666 1.63 5.37 -27.98
C ILE A 666 2.24 6.30 -29.04
#